data_9MHW
#
_entry.id   9MHW
#
_cell.length_a   140.073
_cell.length_b   100.530
_cell.length_c   77.913
_cell.angle_alpha   90.00
_cell.angle_beta   121.86
_cell.angle_gamma   90.00
#
_symmetry.space_group_name_H-M   'C 1 2 1'
#
loop_
_entity.id
_entity.type
_entity.pdbx_description
1 polymer 'Toll-like receptor 8'
2 branched alpha-D-mannopyranose-(1-2)-alpha-D-mannopyranose-(1-3)-[alpha-D-mannopyranose-(2-6)]beta-D-mannopyranose-(1-4)-2-acetamido-2-deoxy-beta-D-glucopyranose-(1-4)-2-acetamido-2-deoxy-beta-D-glucopyranose
3 branched beta-D-mannopyranose-(1-4)-2-acetamido-2-deoxy-beta-D-glucopyranose-(1-4)-2-acetamido-2-deoxy-beta-D-glucopyranose
4 non-polymer 2-acetamido-2-deoxy-beta-D-glucopyranose
5 non-polymer 'NICKEL (II) ION'
6 non-polymer (3S)-3-[(2-amino-5-{[2-methoxy-5-({[(3S)-oxolan-3-yl]amino}methyl)phenyl]methyl}-5H-pyrimido[5,4-b]indol-4-yl)amino]hexan-1-ol
7 water water
#
_entity_poly.entity_id   1
_entity_poly.type   'polypeptide(L)'
_entity_poly.pdbx_seq_one_letter_code
;EENFSRSYPCDEKKQNDSVIAECSNRRLQEVPQTVGKYVTELDLSDNFITHITNESFQGLQNLTKINLNHNPNVQHQNGN
PGIQSNGLNITDGAFLNLKNLRELLLEDNQLPQIPSGLPESLTELSLIQNNIYNITKEGISRLINLKNLYLAWNCYFNKV
CEKTNIEDGVFETLTNLELLSLSFNSLSHVPPKLPSSLRKLFLSNTQIKYISEEDFKGLINLTLLDLSGNCPRCFNAPFP
CVPCDGGASINIDRFAFQNLTQLRYLNLSSTSLRKINAAWFKNMPHLKVLDLEFNYLVGEIASGAFLTMLPRLEILDLSF
NYIKGSYPQHINISRNFSKLLSLRALHLRGYVFQELREDDFQPLMQLPNLSTINLGINFIKQIDFKLFQNFSNLEIIYLS
ENRISPLVKDTRQSYANSSSFQRHIRKRRSTDFEFDPHSNFYHFTRPLIKPQCAAYGKALDLSLNSIFFIGPNQFENLPD
IACLNLSANSNAQVLSGTEFSAIPHVKYLDLTNNRLDFDNASALTELSDLEVLDLSYNSHYFRIAGVTHHLEFIQNFTNL
KVLNLSHNNIYTLTDKYNLESKSLVELVFSGNRLDILWNDDDNRYISIFKGLKNLTRLDLSLNRLKHIPNEAFLNLPASL
TELHINDNMLKFFNWTLLQQFPRLELLDLRGNKLLFLTDSLSDFTSSLRTLLLSHNRISHLPSGFLSEVSSLKHLDLSSN
LLKTINKSALETKTTTKLSMLELHGNPFECTCDIGDFRRWMDEHLNVKIPRLVDVICASPGDQRGKSIVSLELTTCVSDV
TEFLVPR
;
_entity_poly.pdbx_strand_id   A
#
loop_
_chem_comp.id
_chem_comp.type
_chem_comp.name
_chem_comp.formula
A1BLT non-polymer (3S)-3-[(2-amino-5-{[2-methoxy-5-({[(3S)-oxolan-3-yl]amino}methyl)phenyl]methyl}-5H-pyrimido[5,4-b]indol-4-yl)amino]hexan-1-ol 'C29 H38 N6 O3'
BMA D-saccharide, beta linking beta-D-mannopyranose 'C6 H12 O6'
MAN D-saccharide, alpha linking alpha-D-mannopyranose 'C6 H12 O6'
NAG D-saccharide, beta linking 2-acetamido-2-deoxy-beta-D-glucopyranose 'C8 H15 N O6'
NI non-polymer 'NICKEL (II) ION' 'Ni 2'
#
# COMPACT_ATOMS: atom_id res chain seq x y z
N ARG A 6 7.20 -22.28 24.40
CA ARG A 6 6.85 -21.25 23.43
C ARG A 6 5.81 -21.79 22.44
N SER A 7 4.83 -20.94 22.07
CA SER A 7 3.76 -21.35 21.17
C SER A 7 4.31 -21.77 19.83
N TYR A 8 3.71 -22.82 19.28
CA TYR A 8 4.09 -23.41 18.00
C TYR A 8 2.84 -24.02 17.37
N PRO A 9 2.58 -23.89 16.05
CA PRO A 9 3.34 -23.16 15.02
C PRO A 9 2.97 -21.69 14.87
N CYS A 10 1.99 -21.17 15.63
CA CYS A 10 1.55 -19.79 15.47
C CYS A 10 2.38 -18.81 16.31
N ASP A 11 2.31 -17.52 15.93
CA ASP A 11 2.91 -16.43 16.68
C ASP A 11 1.75 -15.71 17.33
N GLU A 12 1.76 -15.57 18.66
CA GLU A 12 0.66 -14.96 19.38
C GLU A 12 0.93 -13.49 19.64
N LYS A 13 -0.10 -12.65 19.50
CA LYS A 13 0.02 -11.21 19.71
C LYS A 13 -1.22 -10.69 20.39
N LYS A 14 -1.06 -9.83 21.39
CA LYS A 14 -2.20 -9.21 22.03
C LYS A 14 -2.59 -7.98 21.20
N GLN A 15 -3.89 -7.80 20.93
CA GLN A 15 -4.38 -6.64 20.19
C GLN A 15 -5.61 -6.15 20.92
N ASN A 16 -5.39 -5.32 21.96
CA ASN A 16 -6.45 -4.80 22.82
C ASN A 16 -7.18 -6.01 23.49
N ASP A 17 -8.52 -6.11 23.46
CA ASP A 17 -9.24 -7.21 24.10
C ASP A 17 -9.29 -8.45 23.21
N SER A 18 -8.13 -8.85 22.66
CA SER A 18 -8.05 -10.03 21.81
C SER A 18 -6.62 -10.57 21.78
N VAL A 19 -6.48 -11.86 21.47
CA VAL A 19 -5.19 -12.52 21.29
C VAL A 19 -5.25 -13.17 19.91
N ILE A 20 -4.38 -12.73 19.00
CA ILE A 20 -4.36 -13.23 17.62
C ILE A 20 -3.27 -14.28 17.49
N ALA A 21 -3.62 -15.46 16.97
CA ALA A 21 -2.65 -16.50 16.67
C ALA A 21 -2.38 -16.37 15.17
N GLU A 22 -1.31 -15.64 14.85
CA GLU A 22 -0.87 -15.44 13.49
C GLU A 22 -0.27 -16.78 13.05
N CYS A 23 -1.03 -17.54 12.27
CA CYS A 23 -0.64 -18.89 11.84
C CYS A 23 -0.76 -19.04 10.33
N SER A 24 -0.64 -17.95 9.56
CA SER A 24 -0.77 -17.97 8.13
C SER A 24 0.53 -18.32 7.43
N ASN A 25 0.44 -18.81 6.18
CA ASN A 25 1.59 -19.03 5.31
C ASN A 25 2.72 -19.81 6.00
N ARG A 26 2.36 -20.94 6.60
CA ARG A 26 3.26 -21.80 7.38
C ARG A 26 3.31 -23.24 6.86
N ARG A 27 2.79 -23.52 5.64
CA ARG A 27 2.76 -24.86 5.04
C ARG A 27 1.99 -25.88 5.87
N LEU A 28 1.05 -25.42 6.71
CA LEU A 28 0.29 -26.34 7.57
C LEU A 28 -0.60 -27.22 6.73
N GLN A 29 -0.49 -28.56 6.91
CA GLN A 29 -1.32 -29.53 6.19
C GLN A 29 -2.69 -29.67 6.88
N GLU A 30 -2.78 -29.38 8.18
CA GLU A 30 -4.02 -29.46 8.94
C GLU A 30 -4.02 -28.40 10.04
N VAL A 31 -5.19 -28.11 10.62
CA VAL A 31 -5.28 -27.13 11.72
C VAL A 31 -4.47 -27.67 12.92
N PRO A 32 -3.52 -26.90 13.48
CA PRO A 32 -2.74 -27.44 14.60
C PRO A 32 -3.58 -27.66 15.85
N GLN A 33 -3.27 -28.73 16.58
CA GLN A 33 -3.90 -29.03 17.87
C GLN A 33 -3.08 -28.42 19.03
N THR A 34 -2.29 -27.36 18.75
CA THR A 34 -1.47 -26.68 19.74
C THR A 34 -1.78 -25.17 19.77
N VAL A 35 -3.03 -24.78 19.49
CA VAL A 35 -3.44 -23.38 19.56
C VAL A 35 -3.61 -23.05 21.06
N GLY A 36 -3.16 -21.87 21.47
CA GLY A 36 -3.28 -21.44 22.86
C GLY A 36 -4.73 -21.32 23.29
N LYS A 37 -5.05 -21.76 24.51
CA LYS A 37 -6.41 -21.72 25.03
C LYS A 37 -6.96 -20.30 25.19
N TYR A 38 -6.10 -19.29 25.32
CA TYR A 38 -6.53 -17.89 25.43
C TYR A 38 -6.60 -17.17 24.05
N VAL A 39 -6.24 -17.85 22.95
CA VAL A 39 -6.32 -17.28 21.61
C VAL A 39 -7.80 -16.99 21.27
N THR A 40 -8.12 -15.76 20.84
CA THR A 40 -9.49 -15.39 20.45
C THR A 40 -9.64 -15.27 18.93
N GLU A 41 -8.55 -15.03 18.18
CA GLU A 41 -8.62 -14.91 16.72
C GLU A 41 -7.54 -15.77 16.13
N LEU A 42 -7.89 -16.71 15.24
CA LEU A 42 -6.95 -17.64 14.65
C LEU A 42 -6.83 -17.40 13.15
N ASP A 43 -5.65 -17.00 12.69
CA ASP A 43 -5.43 -16.76 11.27
C ASP A 43 -4.69 -17.92 10.68
N LEU A 44 -5.39 -18.82 9.98
CA LEU A 44 -4.79 -19.96 9.31
C LEU A 44 -4.81 -19.80 7.78
N SER A 45 -4.87 -18.55 7.27
CA SER A 45 -4.92 -18.32 5.83
C SER A 45 -3.64 -18.73 5.13
N ASP A 46 -3.73 -19.03 3.84
CA ASP A 46 -2.57 -19.37 3.01
C ASP A 46 -1.76 -20.57 3.52
N ASN A 47 -2.43 -21.63 3.88
CA ASN A 47 -1.80 -22.88 4.28
C ASN A 47 -2.25 -24.00 3.30
N PHE A 48 -1.91 -25.25 3.56
CA PHE A 48 -2.32 -26.37 2.71
C PHE A 48 -3.40 -27.19 3.41
N ILE A 49 -4.31 -26.53 4.17
CA ILE A 49 -5.36 -27.25 4.88
C ILE A 49 -6.42 -27.71 3.89
N THR A 50 -6.72 -29.01 3.90
CA THR A 50 -7.68 -29.61 2.97
C THR A 50 -8.98 -30.02 3.64
N HIS A 51 -8.97 -30.26 4.97
CA HIS A 51 -10.15 -30.73 5.69
C HIS A 51 -10.38 -30.01 7.01
N ILE A 52 -11.66 -29.74 7.31
CA ILE A 52 -12.12 -29.13 8.56
C ILE A 52 -13.23 -30.05 9.08
N THR A 53 -13.12 -30.50 10.33
CA THR A 53 -14.12 -31.34 10.98
C THR A 53 -14.48 -30.73 12.35
N ASN A 54 -15.46 -31.32 13.08
CA ASN A 54 -15.81 -30.89 14.43
C ASN A 54 -14.66 -31.15 15.46
N GLU A 55 -13.56 -31.80 15.04
CA GLU A 55 -12.36 -32.05 15.86
C GLU A 55 -11.29 -30.96 15.62
N SER A 56 -11.30 -30.34 14.43
CA SER A 56 -10.33 -29.32 14.01
C SER A 56 -10.03 -28.25 15.07
N PHE A 57 -11.08 -27.66 15.67
CA PHE A 57 -10.92 -26.59 16.66
C PHE A 57 -11.54 -27.01 18.00
N GLN A 58 -11.54 -28.31 18.34
CA GLN A 58 -12.19 -28.77 19.57
C GLN A 58 -11.53 -28.18 20.83
N GLY A 59 -12.37 -27.84 21.80
CA GLY A 59 -11.93 -27.24 23.03
C GLY A 59 -11.62 -25.75 22.96
N LEU A 60 -11.39 -25.21 21.74
CA LEU A 60 -11.02 -23.80 21.57
C LEU A 60 -12.23 -22.86 21.60
N GLN A 61 -12.93 -22.85 22.73
CA GLN A 61 -14.15 -22.08 22.94
C GLN A 61 -13.93 -20.56 22.94
N ASN A 62 -12.71 -20.09 23.25
CA ASN A 62 -12.46 -18.64 23.24
C ASN A 62 -12.38 -18.04 21.80
N LEU A 63 -12.39 -18.87 20.76
CA LEU A 63 -12.30 -18.36 19.38
C LEU A 63 -13.55 -17.57 18.95
N THR A 64 -13.38 -16.26 18.71
CA THR A 64 -14.41 -15.38 18.16
C THR A 64 -14.18 -15.17 16.64
N LYS A 65 -12.97 -15.47 16.10
CA LYS A 65 -12.70 -15.28 14.68
C LYS A 65 -11.76 -16.35 14.16
N ILE A 66 -12.07 -16.89 12.97
CA ILE A 66 -11.24 -17.87 12.30
C ILE A 66 -11.13 -17.42 10.86
N ASN A 67 -9.90 -17.35 10.35
CA ASN A 67 -9.63 -17.03 8.98
C ASN A 67 -8.98 -18.24 8.34
N LEU A 68 -9.68 -18.87 7.40
CA LEU A 68 -9.19 -20.02 6.63
C LEU A 68 -9.06 -19.65 5.13
N ASN A 69 -8.92 -18.35 4.79
CA ASN A 69 -8.81 -17.91 3.41
C ASN A 69 -7.66 -18.57 2.68
N HIS A 70 -7.86 -18.88 1.40
CA HIS A 70 -6.81 -19.47 0.55
C HIS A 70 -6.25 -20.78 1.14
N ASN A 71 -7.14 -21.75 1.36
CA ASN A 71 -6.77 -23.09 1.82
C ASN A 71 -7.56 -24.07 0.95
N PRO A 72 -6.92 -25.08 0.32
CA PRO A 72 -5.48 -25.40 0.30
C PRO A 72 -4.77 -24.55 -0.76
N ASN A 73 -3.59 -24.01 -0.44
CA ASN A 73 -2.83 -23.19 -1.39
C ASN A 73 -2.17 -24.06 -2.45
N GLY A 87 -10.92 -28.36 -3.36
CA GLY A 87 -10.88 -27.25 -2.42
C GLY A 87 -10.98 -27.68 -0.97
N LEU A 88 -11.22 -26.71 -0.07
CA LEU A 88 -11.36 -26.98 1.36
C LEU A 88 -12.60 -27.81 1.59
N ASN A 89 -12.45 -28.89 2.32
CA ASN A 89 -13.53 -29.81 2.63
C ASN A 89 -14.01 -29.52 4.05
N ILE A 90 -15.24 -29.02 4.21
CA ILE A 90 -15.77 -28.68 5.52
C ILE A 90 -16.98 -29.55 5.77
N THR A 91 -16.95 -30.35 6.84
CA THR A 91 -18.06 -31.23 7.17
C THR A 91 -19.24 -30.42 7.74
N ASP A 92 -20.43 -31.01 7.71
CA ASP A 92 -21.65 -30.43 8.25
C ASP A 92 -21.45 -30.28 9.76
N GLY A 93 -21.65 -29.09 10.29
CA GLY A 93 -21.50 -28.80 11.70
C GLY A 93 -20.08 -28.76 12.22
N ALA A 94 -19.07 -28.68 11.34
CA ALA A 94 -17.66 -28.63 11.78
C ALA A 94 -17.38 -27.51 12.79
N PHE A 95 -17.97 -26.32 12.60
CA PHE A 95 -17.76 -25.18 13.51
C PHE A 95 -18.88 -25.00 14.57
N LEU A 96 -19.94 -25.82 14.51
CA LEU A 96 -21.11 -25.71 15.38
C LEU A 96 -20.81 -25.61 16.88
N ASN A 97 -19.80 -26.37 17.37
CA ASN A 97 -19.45 -26.38 18.80
C ASN A 97 -18.75 -25.10 19.30
N LEU A 98 -18.29 -24.22 18.39
CA LEU A 98 -17.66 -22.95 18.78
C LEU A 98 -18.75 -21.90 19.04
N LYS A 99 -19.25 -21.86 20.28
CA LYS A 99 -20.36 -21.01 20.69
C LYS A 99 -20.08 -19.51 20.68
N ASN A 100 -18.80 -19.11 20.72
CA ASN A 100 -18.43 -17.69 20.68
C ASN A 100 -17.94 -17.24 19.28
N LEU A 101 -17.98 -18.13 18.27
CA LEU A 101 -17.50 -17.79 16.92
C LEU A 101 -18.39 -16.74 16.26
N ARG A 102 -17.84 -15.55 16.02
CA ARG A 102 -18.57 -14.43 15.43
C ARG A 102 -18.13 -14.15 13.99
N GLU A 103 -16.84 -14.28 13.65
CA GLU A 103 -16.34 -13.97 12.31
C GLU A 103 -15.66 -15.18 11.72
N LEU A 104 -16.11 -15.62 10.54
CA LEU A 104 -15.56 -16.78 9.86
C LEU A 104 -15.25 -16.38 8.43
N LEU A 105 -13.96 -16.36 8.04
CA LEU A 105 -13.56 -15.98 6.71
C LEU A 105 -13.16 -17.23 5.96
N LEU A 106 -13.89 -17.51 4.88
CA LEU A 106 -13.69 -18.69 4.06
C LEU A 106 -13.65 -18.26 2.60
N GLU A 107 -12.70 -17.40 2.28
CA GLU A 107 -12.54 -16.91 0.91
C GLU A 107 -11.55 -17.75 0.14
N ASP A 108 -11.77 -17.90 -1.16
CA ASP A 108 -10.82 -18.58 -2.03
C ASP A 108 -10.52 -20.00 -1.55
N ASN A 109 -11.58 -20.75 -1.25
CA ASN A 109 -11.48 -22.13 -0.77
C ASN A 109 -12.13 -23.13 -1.73
N GLN A 110 -12.51 -22.72 -2.96
CA GLN A 110 -13.17 -23.57 -3.96
C GLN A 110 -14.38 -24.30 -3.37
N LEU A 111 -15.12 -23.65 -2.47
CA LEU A 111 -16.27 -24.28 -1.84
C LEU A 111 -17.39 -24.44 -2.85
N PRO A 112 -17.97 -25.64 -3.00
CA PRO A 112 -19.08 -25.81 -3.95
C PRO A 112 -20.43 -25.36 -3.41
N GLN A 113 -20.55 -25.20 -2.08
CA GLN A 113 -21.79 -24.82 -1.41
C GLN A 113 -21.46 -24.00 -0.15
N ILE A 114 -22.47 -23.35 0.42
CA ILE A 114 -22.32 -22.68 1.71
C ILE A 114 -22.18 -23.83 2.74
N PRO A 115 -21.13 -23.88 3.60
CA PRO A 115 -21.02 -25.00 4.55
C PRO A 115 -22.28 -25.22 5.40
N SER A 116 -22.66 -26.48 5.60
CA SER A 116 -23.87 -26.83 6.37
C SER A 116 -23.60 -26.81 7.87
N GLY A 117 -24.63 -26.53 8.66
CA GLY A 117 -24.53 -26.53 10.11
C GLY A 117 -23.59 -25.49 10.69
N LEU A 118 -23.51 -24.30 10.08
CA LEU A 118 -22.65 -23.23 10.61
C LEU A 118 -23.24 -22.68 11.93
N PRO A 119 -22.40 -22.19 12.88
CA PRO A 119 -22.94 -21.73 14.17
C PRO A 119 -23.78 -20.46 14.12
N GLU A 120 -24.94 -20.50 14.81
CA GLU A 120 -25.86 -19.36 14.89
C GLU A 120 -25.23 -18.10 15.50
N SER A 121 -24.08 -18.21 16.16
CA SER A 121 -23.41 -17.05 16.74
C SER A 121 -22.74 -16.15 15.69
N LEU A 122 -22.55 -16.63 14.46
CA LEU A 122 -21.89 -15.83 13.42
C LEU A 122 -22.56 -14.48 13.17
N THR A 123 -21.75 -13.41 13.22
CA THR A 123 -22.11 -12.04 12.89
C THR A 123 -21.44 -11.63 11.54
N GLU A 124 -20.34 -12.28 11.11
CA GLU A 124 -19.69 -11.95 9.84
C GLU A 124 -19.30 -13.24 9.16
N LEU A 125 -19.71 -13.43 7.92
CA LEU A 125 -19.37 -14.63 7.17
C LEU A 125 -18.92 -14.19 5.80
N SER A 126 -17.70 -14.54 5.40
CA SER A 126 -17.23 -14.19 4.07
C SER A 126 -16.96 -15.43 3.27
N LEU A 127 -17.64 -15.57 2.15
CA LEU A 127 -17.50 -16.68 1.22
C LEU A 127 -17.11 -16.18 -0.18
N ILE A 128 -16.38 -15.06 -0.25
CA ILE A 128 -15.92 -14.48 -1.50
C ILE A 128 -15.03 -15.47 -2.24
N GLN A 129 -15.05 -15.43 -3.58
CA GLN A 129 -14.15 -16.25 -4.40
C GLN A 129 -14.23 -17.74 -4.12
N ASN A 130 -15.44 -18.28 -4.18
CA ASN A 130 -15.69 -19.71 -4.08
C ASN A 130 -16.50 -20.14 -5.32
N ASN A 131 -17.04 -21.37 -5.34
CA ASN A 131 -17.84 -21.90 -6.44
C ASN A 131 -19.28 -22.12 -5.97
N ILE A 132 -19.81 -21.17 -5.21
CA ILE A 132 -21.15 -21.27 -4.63
C ILE A 132 -22.12 -20.58 -5.55
N TYR A 133 -23.02 -21.34 -6.16
CA TYR A 133 -24.01 -20.83 -7.10
C TYR A 133 -25.46 -21.00 -6.60
N ASN A 134 -25.64 -21.40 -5.32
CA ASN A 134 -26.96 -21.59 -4.74
C ASN A 134 -26.92 -21.04 -3.31
N ILE A 135 -27.74 -20.04 -3.03
CA ILE A 135 -27.82 -19.44 -1.71
C ILE A 135 -29.12 -19.99 -1.17
N THR A 136 -29.05 -20.93 -0.22
CA THR A 136 -30.23 -21.65 0.29
C THR A 136 -30.57 -21.35 1.74
N LYS A 137 -31.83 -21.57 2.11
CA LYS A 137 -32.26 -21.41 3.50
C LYS A 137 -31.54 -22.43 4.38
N GLU A 138 -31.22 -23.64 3.87
CA GLU A 138 -30.47 -24.65 4.64
C GLU A 138 -29.09 -24.08 5.06
N GLY A 139 -28.47 -23.34 4.15
CA GLY A 139 -27.18 -22.71 4.40
C GLY A 139 -27.18 -21.55 5.37
N ILE A 140 -28.11 -20.57 5.24
CA ILE A 140 -28.03 -19.35 6.08
C ILE A 140 -29.32 -18.90 6.82
N SER A 141 -30.51 -19.50 6.61
CA SER A 141 -31.72 -19.04 7.33
C SER A 141 -31.57 -19.01 8.85
N ARG A 142 -30.85 -20.00 9.43
CA ARG A 142 -30.64 -20.08 10.89
C ARG A 142 -29.61 -19.05 11.42
N LEU A 143 -28.84 -18.41 10.54
CA LEU A 143 -27.81 -17.47 10.96
C LEU A 143 -28.40 -16.07 11.20
N ILE A 144 -29.38 -16.03 12.09
CA ILE A 144 -30.14 -14.82 12.44
C ILE A 144 -29.31 -13.71 13.07
N ASN A 145 -28.09 -13.97 13.57
CA ASN A 145 -27.25 -12.90 14.11
C ASN A 145 -26.29 -12.30 13.05
N LEU A 146 -26.33 -12.76 11.77
CA LEU A 146 -25.46 -12.23 10.72
C LEU A 146 -25.65 -10.72 10.56
N LYS A 147 -24.56 -9.96 10.58
CA LYS A 147 -24.54 -8.52 10.31
C LYS A 147 -23.94 -8.31 8.91
N ASN A 148 -22.84 -8.99 8.59
CA ASN A 148 -22.19 -8.84 7.30
C ASN A 148 -22.10 -10.19 6.60
N LEU A 149 -22.59 -10.27 5.35
CA LEU A 149 -22.54 -11.49 4.58
C LEU A 149 -21.92 -11.17 3.23
N TYR A 150 -20.77 -11.75 2.93
CA TYR A 150 -20.10 -11.50 1.66
C TYR A 150 -20.10 -12.77 0.85
N LEU A 151 -20.72 -12.71 -0.32
CA LEU A 151 -20.78 -13.82 -1.25
C LEU A 151 -20.30 -13.38 -2.65
N ALA A 152 -19.53 -12.29 -2.75
CA ALA A 152 -19.10 -11.77 -4.03
C ALA A 152 -18.07 -12.67 -4.74
N TRP A 153 -17.97 -12.51 -6.07
CA TRP A 153 -16.97 -13.18 -6.88
C TRP A 153 -17.06 -14.70 -6.88
N ASN A 154 -18.27 -15.25 -7.03
CA ASN A 154 -18.39 -16.71 -7.19
C ASN A 154 -18.63 -17.06 -8.67
N CYS A 155 -19.23 -16.16 -9.47
CA CYS A 155 -19.43 -16.44 -10.89
C CYS A 155 -19.31 -15.17 -11.70
N TYR A 156 -18.24 -15.06 -12.49
CA TYR A 156 -17.95 -13.83 -13.20
C TYR A 156 -17.02 -14.04 -14.37
N PHE A 157 -16.93 -13.03 -15.25
CA PHE A 157 -16.04 -13.01 -16.41
C PHE A 157 -16.21 -14.33 -17.22
N ASN A 158 -15.12 -14.99 -17.69
CA ASN A 158 -15.23 -16.25 -18.41
C ASN A 158 -14.99 -17.46 -17.52
N LYS A 159 -15.24 -17.36 -16.21
CA LYS A 159 -15.14 -18.51 -15.31
C LYS A 159 -16.28 -19.47 -15.69
N VAL A 160 -15.99 -20.78 -15.70
CA VAL A 160 -17.01 -21.78 -15.96
C VAL A 160 -17.81 -21.87 -14.68
N CYS A 161 -19.04 -21.37 -14.68
CA CYS A 161 -19.84 -21.33 -13.47
C CYS A 161 -21.33 -21.26 -13.83
N GLU A 162 -22.20 -21.55 -12.84
CA GLU A 162 -23.64 -21.54 -13.05
C GLU A 162 -24.23 -20.19 -12.60
N LYS A 163 -25.42 -19.85 -13.13
CA LYS A 163 -26.14 -18.65 -12.68
C LYS A 163 -26.53 -18.83 -11.20
N THR A 164 -26.49 -17.76 -10.42
CA THR A 164 -26.77 -17.85 -8.99
C THR A 164 -28.25 -18.01 -8.74
N ASN A 165 -28.63 -19.07 -8.03
CA ASN A 165 -30.00 -19.28 -7.62
C ASN A 165 -30.10 -18.82 -6.17
N ILE A 166 -30.92 -17.82 -5.91
CA ILE A 166 -31.11 -17.30 -4.57
C ILE A 166 -32.47 -17.81 -4.18
N GLU A 167 -32.53 -18.72 -3.20
CA GLU A 167 -33.81 -19.29 -2.75
C GLU A 167 -34.71 -18.18 -2.24
N ASP A 168 -35.98 -18.17 -2.68
CA ASP A 168 -36.92 -17.11 -2.31
C ASP A 168 -37.00 -16.88 -0.79
N GLY A 169 -36.76 -15.64 -0.37
CA GLY A 169 -36.78 -15.30 1.04
C GLY A 169 -35.61 -15.83 1.85
N VAL A 170 -34.49 -16.21 1.19
CA VAL A 170 -33.32 -16.71 1.92
C VAL A 170 -32.74 -15.69 2.92
N PHE A 171 -32.77 -14.38 2.58
CA PHE A 171 -32.26 -13.33 3.47
C PHE A 171 -33.33 -12.77 4.42
N GLU A 172 -34.61 -13.11 4.21
CA GLU A 172 -35.73 -12.58 4.99
C GLU A 172 -35.59 -12.77 6.52
N THR A 173 -35.14 -13.96 6.99
CA THR A 173 -34.95 -14.16 8.44
C THR A 173 -33.74 -13.44 9.02
N LEU A 174 -32.85 -12.89 8.17
CA LEU A 174 -31.66 -12.20 8.66
C LEU A 174 -32.02 -10.76 9.02
N THR A 175 -32.80 -10.59 10.10
CA THR A 175 -33.34 -9.30 10.53
C THR A 175 -32.32 -8.37 11.18
N ASN A 176 -31.05 -8.80 11.35
CA ASN A 176 -29.96 -7.95 11.82
C ASN A 176 -28.93 -7.72 10.68
N LEU A 177 -29.20 -8.21 9.45
CA LEU A 177 -28.24 -8.09 8.35
C LEU A 177 -28.07 -6.62 7.97
N GLU A 178 -26.82 -6.12 8.02
CA GLU A 178 -26.48 -4.73 7.72
C GLU A 178 -25.74 -4.61 6.40
N LEU A 179 -24.94 -5.62 6.02
CA LEU A 179 -24.19 -5.56 4.79
C LEU A 179 -24.42 -6.86 4.05
N LEU A 180 -24.78 -6.76 2.77
CA LEU A 180 -24.97 -7.90 1.92
C LEU A 180 -24.24 -7.60 0.63
N SER A 181 -23.26 -8.43 0.29
CA SER A 181 -22.53 -8.26 -0.97
C SER A 181 -22.68 -9.50 -1.85
N LEU A 182 -23.25 -9.31 -3.04
CA LEU A 182 -23.45 -10.36 -4.04
C LEU A 182 -22.84 -9.97 -5.40
N SER A 183 -21.93 -8.99 -5.40
CA SER A 183 -21.27 -8.52 -6.62
C SER A 183 -20.49 -9.64 -7.31
N PHE A 184 -20.29 -9.51 -8.62
CA PHE A 184 -19.55 -10.50 -9.40
C PHE A 184 -20.13 -11.91 -9.26
N ASN A 185 -21.44 -11.98 -9.50
CA ASN A 185 -22.28 -13.17 -9.57
C ASN A 185 -23.36 -12.88 -10.61
N SER A 186 -23.87 -13.90 -11.30
CA SER A 186 -24.91 -13.69 -12.30
C SER A 186 -26.25 -13.77 -11.60
N LEU A 187 -26.84 -12.61 -11.25
CA LEU A 187 -28.13 -12.56 -10.56
C LEU A 187 -29.32 -12.25 -11.45
N SER A 188 -29.17 -11.42 -12.51
CA SER A 188 -30.24 -10.99 -13.43
C SER A 188 -31.27 -10.01 -12.81
N HIS A 189 -31.68 -10.21 -11.56
CA HIS A 189 -32.63 -9.32 -10.87
C HIS A 189 -32.16 -9.09 -9.46
N VAL A 190 -32.60 -7.97 -8.86
CA VAL A 190 -32.32 -7.69 -7.45
C VAL A 190 -33.11 -8.75 -6.65
N PRO A 191 -32.51 -9.47 -5.67
CA PRO A 191 -33.28 -10.48 -4.95
C PRO A 191 -34.45 -9.87 -4.19
N PRO A 192 -35.66 -10.46 -4.27
CA PRO A 192 -36.76 -9.94 -3.48
C PRO A 192 -36.62 -10.30 -1.99
N LYS A 193 -37.48 -9.74 -1.15
CA LYS A 193 -37.52 -10.04 0.27
C LYS A 193 -36.18 -9.82 0.97
N LEU A 194 -35.61 -8.62 0.82
CA LEU A 194 -34.39 -8.27 1.50
C LEU A 194 -34.79 -7.70 2.87
N PRO A 195 -34.01 -7.96 3.94
CA PRO A 195 -34.37 -7.41 5.25
C PRO A 195 -34.21 -5.90 5.33
N SER A 196 -35.16 -5.23 6.00
CA SER A 196 -35.17 -3.78 6.15
C SER A 196 -34.00 -3.23 6.99
N SER A 197 -33.27 -4.11 7.71
CA SER A 197 -32.08 -3.72 8.48
C SER A 197 -30.89 -3.35 7.56
N LEU A 198 -30.95 -3.68 6.26
CA LEU A 198 -29.80 -3.45 5.37
C LEU A 198 -29.34 -1.99 5.36
N ARG A 199 -28.04 -1.81 5.47
CA ARG A 199 -27.34 -0.53 5.41
C ARG A 199 -26.52 -0.47 4.12
N LYS A 200 -25.90 -1.57 3.69
CA LYS A 200 -25.05 -1.57 2.49
C LYS A 200 -25.42 -2.76 1.63
N LEU A 201 -25.76 -2.50 0.37
CA LEU A 201 -26.15 -3.54 -0.56
C LEU A 201 -25.24 -3.43 -1.78
N PHE A 202 -24.41 -4.45 -2.01
CA PHE A 202 -23.51 -4.45 -3.15
C PHE A 202 -24.00 -5.45 -4.18
N LEU A 203 -24.30 -4.96 -5.39
CA LEU A 203 -24.82 -5.72 -6.52
C LEU A 203 -24.07 -5.33 -7.80
N SER A 204 -22.75 -5.10 -7.70
CA SER A 204 -21.96 -4.71 -8.86
C SER A 204 -21.73 -5.90 -9.76
N ASN A 205 -21.73 -5.72 -11.09
CA ASN A 205 -21.41 -6.80 -12.03
C ASN A 205 -22.24 -8.07 -11.78
N THR A 206 -23.56 -7.86 -11.65
CA THR A 206 -24.52 -8.94 -11.42
C THR A 206 -25.48 -9.19 -12.57
N GLN A 207 -25.26 -8.56 -13.74
CA GLN A 207 -26.13 -8.72 -14.90
C GLN A 207 -27.57 -8.29 -14.64
N ILE A 208 -27.77 -7.27 -13.76
CA ILE A 208 -29.10 -6.72 -13.43
C ILE A 208 -29.32 -5.53 -14.36
N LYS A 209 -30.02 -5.75 -15.46
CA LYS A 209 -30.24 -4.72 -16.48
C LYS A 209 -31.40 -3.76 -16.19
N TYR A 210 -32.32 -4.16 -15.29
CA TYR A 210 -33.49 -3.36 -14.99
CA TYR A 210 -33.51 -3.38 -14.98
C TYR A 210 -33.66 -3.25 -13.47
N ILE A 211 -33.91 -2.03 -12.98
CA ILE A 211 -34.13 -1.77 -11.56
C ILE A 211 -35.59 -1.33 -11.49
N SER A 212 -36.44 -2.14 -10.88
CA SER A 212 -37.86 -1.84 -10.74
C SER A 212 -38.12 -0.97 -9.50
N GLU A 213 -39.33 -0.39 -9.43
CA GLU A 213 -39.71 0.39 -8.25
C GLU A 213 -39.92 -0.46 -6.99
N GLU A 214 -40.03 -1.80 -7.12
CA GLU A 214 -40.20 -2.66 -5.95
C GLU A 214 -38.87 -3.17 -5.36
N ASP A 215 -37.78 -3.14 -6.14
CA ASP A 215 -36.51 -3.75 -5.71
C ASP A 215 -35.94 -3.29 -4.37
N PHE A 216 -36.04 -2.00 -4.03
CA PHE A 216 -35.49 -1.49 -2.76
C PHE A 216 -36.57 -0.84 -1.88
N LYS A 217 -37.84 -1.23 -2.08
CA LYS A 217 -39.04 -0.70 -1.42
C LYS A 217 -38.94 -0.52 0.11
N GLY A 218 -38.51 -1.55 0.83
CA GLY A 218 -38.44 -1.50 2.28
C GLY A 218 -37.09 -1.13 2.87
N LEU A 219 -36.11 -0.80 2.03
CA LEU A 219 -34.76 -0.51 2.50
C LEU A 219 -34.58 0.93 2.94
N ILE A 220 -35.38 1.31 3.92
CA ILE A 220 -35.39 2.67 4.43
C ILE A 220 -34.17 3.05 5.26
N ASN A 221 -33.34 2.09 5.68
CA ASN A 221 -32.12 2.41 6.43
C ASN A 221 -30.85 2.27 5.51
N LEU A 222 -31.04 2.08 4.18
CA LEU A 222 -29.91 1.91 3.28
C LEU A 222 -29.06 3.19 3.16
N THR A 223 -27.75 3.05 3.36
CA THR A 223 -26.80 4.13 3.23
C THR A 223 -25.90 3.91 1.99
N LEU A 224 -25.74 2.66 1.48
CA LEU A 224 -24.92 2.42 0.31
C LEU A 224 -25.59 1.50 -0.66
N LEU A 225 -25.59 1.86 -1.94
CA LEU A 225 -26.18 1.03 -2.98
C LEU A 225 -25.17 1.00 -4.11
N ASP A 226 -24.68 -0.20 -4.46
CA ASP A 226 -23.74 -0.34 -5.55
C ASP A 226 -24.38 -1.17 -6.65
N LEU A 227 -24.67 -0.51 -7.78
CA LEU A 227 -25.25 -1.12 -8.97
C LEU A 227 -24.27 -0.96 -10.17
N SER A 228 -22.96 -0.77 -9.89
CA SER A 228 -21.98 -0.60 -10.97
C SER A 228 -21.80 -1.85 -11.83
N GLY A 229 -21.35 -1.68 -13.07
CA GLY A 229 -21.05 -2.81 -13.94
C GLY A 229 -22.23 -3.59 -14.48
N ASN A 230 -23.45 -3.05 -14.35
CA ASN A 230 -24.68 -3.66 -14.85
C ASN A 230 -25.00 -2.86 -16.10
N CYS A 231 -24.94 -3.50 -17.28
CA CYS A 231 -24.96 -2.85 -18.60
C CYS A 231 -23.67 -2.06 -18.69
N PRO A 232 -22.52 -2.76 -18.72
CA PRO A 232 -21.24 -2.08 -18.65
C PRO A 232 -20.83 -1.37 -19.92
N ARG A 233 -19.90 -0.43 -19.77
CA ARG A 233 -19.27 0.25 -20.90
C ARG A 233 -18.05 -0.65 -21.16
N CYS A 234 -18.01 -1.34 -22.30
CA CYS A 234 -17.00 -2.35 -22.54
C CYS A 234 -15.84 -1.94 -23.42
N PHE A 235 -15.85 -0.77 -24.08
CA PHE A 235 -14.71 -0.42 -24.95
C PHE A 235 -13.40 -0.33 -24.16
N ASN A 236 -12.35 -1.06 -24.61
CA ASN A 236 -11.04 -1.08 -23.99
C ASN A 236 -11.03 -1.60 -22.53
N ALA A 237 -11.98 -2.49 -22.17
CA ALA A 237 -12.04 -3.01 -20.81
C ALA A 237 -10.84 -3.92 -20.49
N PRO A 238 -10.23 -3.78 -19.30
CA PRO A 238 -9.16 -4.69 -18.90
C PRO A 238 -9.69 -6.00 -18.25
N PHE A 239 -10.86 -6.47 -18.69
CA PHE A 239 -11.48 -7.70 -18.19
C PHE A 239 -12.54 -8.18 -19.20
N PRO A 240 -12.96 -9.47 -19.21
CA PRO A 240 -14.02 -9.88 -20.16
C PRO A 240 -15.29 -9.10 -19.83
N CYS A 241 -15.82 -8.38 -20.81
CA CYS A 241 -16.91 -7.45 -20.60
C CYS A 241 -18.01 -7.73 -21.62
N VAL A 242 -19.27 -7.89 -21.13
CA VAL A 242 -20.43 -8.16 -21.98
C VAL A 242 -21.44 -7.03 -21.83
N PRO A 243 -21.62 -6.21 -22.88
CA PRO A 243 -22.58 -5.10 -22.77
C PRO A 243 -24.02 -5.55 -22.88
N CYS A 244 -24.96 -4.70 -22.44
CA CYS A 244 -26.39 -4.97 -22.63
C CYS A 244 -26.70 -4.80 -24.13
N ASP A 245 -27.77 -5.43 -24.64
CA ASP A 245 -28.12 -5.34 -26.08
C ASP A 245 -28.09 -3.91 -26.62
N GLY A 246 -27.30 -3.70 -27.68
CA GLY A 246 -27.11 -2.40 -28.32
C GLY A 246 -26.36 -1.41 -27.44
N GLY A 247 -25.49 -1.91 -26.55
CA GLY A 247 -24.76 -1.07 -25.60
C GLY A 247 -25.67 -0.20 -24.74
N ALA A 248 -26.97 -0.60 -24.59
CA ALA A 248 -27.99 0.15 -23.83
C ALA A 248 -27.57 0.36 -22.38
N SER A 249 -28.13 1.40 -21.75
CA SER A 249 -27.86 1.70 -20.35
C SER A 249 -28.69 0.83 -19.42
N ILE A 250 -28.34 0.83 -18.12
CA ILE A 250 -29.18 0.23 -17.09
C ILE A 250 -30.53 0.99 -17.11
N ASN A 251 -31.61 0.24 -17.01
CA ASN A 251 -32.95 0.81 -17.06
C ASN A 251 -33.39 0.96 -15.62
N ILE A 252 -33.54 2.19 -15.14
CA ILE A 252 -33.95 2.46 -13.78
C ILE A 252 -35.33 3.08 -13.80
N ASP A 253 -36.30 2.45 -13.11
CA ASP A 253 -37.65 3.00 -13.00
C ASP A 253 -37.60 4.35 -12.29
N ARG A 254 -38.44 5.29 -12.70
CA ARG A 254 -38.48 6.63 -12.12
C ARG A 254 -38.49 6.65 -10.57
N PHE A 255 -39.30 5.80 -9.95
CA PHE A 255 -39.42 5.77 -8.48
C PHE A 255 -38.61 4.67 -7.78
N ALA A 256 -37.55 4.12 -8.43
CA ALA A 256 -36.72 3.08 -7.83
C ALA A 256 -36.05 3.50 -6.51
N PHE A 257 -35.67 4.76 -6.39
CA PHE A 257 -34.96 5.23 -5.19
C PHE A 257 -35.82 6.12 -4.30
N GLN A 258 -37.15 6.09 -4.45
CA GLN A 258 -38.02 7.00 -3.69
C GLN A 258 -37.96 6.77 -2.17
N ASN A 259 -37.68 5.55 -1.69
CA ASN A 259 -37.62 5.29 -0.23
C ASN A 259 -36.18 5.32 0.31
N LEU A 260 -35.17 5.63 -0.52
CA LEU A 260 -33.78 5.62 -0.05
C LEU A 260 -33.35 6.96 0.51
N THR A 261 -34.08 7.42 1.52
CA THR A 261 -33.86 8.72 2.12
C THR A 261 -32.55 8.82 2.90
N GLN A 262 -31.98 7.69 3.35
CA GLN A 262 -30.72 7.71 4.10
C GLN A 262 -29.50 7.44 3.21
N LEU A 263 -29.68 7.35 1.87
CA LEU A 263 -28.57 6.99 1.00
C LEU A 263 -27.45 8.02 1.08
N ARG A 264 -26.23 7.52 1.26
CA ARG A 264 -25.03 8.33 1.32
C ARG A 264 -24.09 7.99 0.17
N TYR A 265 -24.06 6.72 -0.28
CA TYR A 265 -23.14 6.27 -1.31
C TYR A 265 -23.92 5.61 -2.42
N LEU A 266 -23.73 6.06 -3.66
CA LEU A 266 -24.43 5.47 -4.80
C LEU A 266 -23.40 5.23 -5.85
N ASN A 267 -23.22 3.97 -6.25
CA ASN A 267 -22.25 3.62 -7.28
C ASN A 267 -22.99 3.16 -8.54
N LEU A 268 -22.92 4.00 -9.58
CA LEU A 268 -23.49 3.73 -10.90
C LEU A 268 -22.39 3.72 -11.98
N SER A 269 -21.15 3.40 -11.60
CA SER A 269 -20.06 3.32 -12.54
C SER A 269 -20.32 2.21 -13.55
N SER A 270 -19.99 2.43 -14.81
CA SER A 270 -20.13 1.44 -15.86
C SER A 270 -21.52 0.82 -15.93
N THR A 271 -22.53 1.67 -16.01
CA THR A 271 -23.91 1.27 -16.25
C THR A 271 -24.40 1.81 -17.63
N SER A 272 -23.45 2.28 -18.50
CA SER A 272 -23.66 2.82 -19.82
C SER A 272 -24.68 3.97 -19.81
N LEU A 273 -24.70 4.76 -18.72
CA LEU A 273 -25.61 5.89 -18.62
C LEU A 273 -25.23 7.03 -19.56
N ARG A 274 -26.23 7.56 -20.27
CA ARG A 274 -26.12 8.73 -21.16
C ARG A 274 -26.95 9.90 -20.58
N LYS A 275 -27.99 9.61 -19.83
CA LYS A 275 -28.88 10.58 -19.23
C LYS A 275 -29.03 10.23 -17.76
N ILE A 276 -29.12 11.24 -16.90
CA ILE A 276 -29.28 11.06 -15.47
C ILE A 276 -30.55 11.79 -15.12
N ASN A 277 -31.54 11.08 -14.57
CA ASN A 277 -32.78 11.70 -14.19
C ASN A 277 -32.55 12.43 -12.87
N ALA A 278 -32.65 13.77 -12.88
CA ALA A 278 -32.42 14.57 -11.68
C ALA A 278 -33.36 14.14 -10.54
N ALA A 279 -34.57 13.66 -10.87
CA ALA A 279 -35.53 13.23 -9.85
C ALA A 279 -35.10 11.94 -9.13
N TRP A 280 -34.15 11.15 -9.67
CA TRP A 280 -33.62 9.98 -8.92
C TRP A 280 -33.02 10.43 -7.55
N PHE A 281 -32.56 11.69 -7.45
CA PHE A 281 -31.97 12.26 -6.25
C PHE A 281 -32.95 13.07 -5.41
N LYS A 282 -34.22 13.21 -5.86
CA LYS A 282 -35.22 13.97 -5.12
C LYS A 282 -35.40 13.45 -3.70
N ASN A 283 -35.32 12.13 -3.48
CA ASN A 283 -35.51 11.54 -2.15
C ASN A 283 -34.19 11.08 -1.51
N MET A 284 -33.06 11.68 -1.91
CA MET A 284 -31.75 11.39 -1.33
C MET A 284 -31.18 12.71 -0.78
N PRO A 285 -31.74 13.24 0.31
CA PRO A 285 -31.26 14.52 0.84
C PRO A 285 -29.83 14.55 1.37
N HIS A 286 -29.19 13.40 1.60
CA HIS A 286 -27.85 13.36 2.15
C HIS A 286 -26.89 12.54 1.31
N LEU A 287 -27.13 12.46 -0.02
CA LEU A 287 -26.16 11.74 -0.87
C LEU A 287 -24.79 12.43 -0.78
N LYS A 288 -23.77 11.67 -0.43
CA LYS A 288 -22.42 12.14 -0.13
C LYS A 288 -21.40 11.78 -1.18
N VAL A 289 -21.47 10.56 -1.75
CA VAL A 289 -20.52 10.10 -2.72
C VAL A 289 -21.28 9.50 -3.87
N LEU A 290 -21.01 9.99 -5.10
CA LEU A 290 -21.70 9.53 -6.29
C LEU A 290 -20.66 9.12 -7.32
N ASP A 291 -20.61 7.83 -7.68
CA ASP A 291 -19.67 7.33 -8.67
C ASP A 291 -20.40 7.07 -9.98
N LEU A 292 -19.99 7.79 -11.02
CA LEU A 292 -20.54 7.69 -12.35
C LEU A 292 -19.39 7.54 -13.36
N GLU A 293 -18.34 6.81 -12.99
CA GLU A 293 -17.18 6.55 -13.84
C GLU A 293 -17.59 5.59 -14.96
N PHE A 294 -16.84 5.57 -16.07
CA PHE A 294 -17.09 4.63 -17.16
C PHE A 294 -18.53 4.63 -17.71
N ASN A 295 -19.15 5.82 -17.85
CA ASN A 295 -20.45 5.97 -18.48
C ASN A 295 -20.25 6.80 -19.79
N TYR A 296 -21.30 7.38 -20.36
CA TYR A 296 -21.19 8.18 -21.58
C TYR A 296 -21.81 9.52 -21.24
N LEU A 297 -21.29 10.16 -20.22
CA LEU A 297 -21.88 11.38 -19.68
C LEU A 297 -21.23 12.70 -20.08
N VAL A 298 -20.52 12.81 -21.24
CA VAL A 298 -19.99 14.13 -21.64
C VAL A 298 -21.14 15.16 -21.82
N GLY A 299 -22.26 14.75 -22.42
CA GLY A 299 -23.41 15.62 -22.59
C GLY A 299 -23.99 16.05 -21.26
N GLU A 300 -24.18 15.10 -20.33
CA GLU A 300 -24.70 15.39 -18.98
C GLU A 300 -23.74 16.27 -18.17
N ILE A 301 -22.41 16.12 -18.37
CA ILE A 301 -21.45 16.97 -17.67
C ILE A 301 -21.63 18.44 -18.12
N ALA A 302 -21.97 18.67 -19.41
CA ALA A 302 -22.16 19.99 -19.97
C ALA A 302 -23.50 20.64 -19.59
N SER A 303 -24.54 19.86 -19.30
CA SER A 303 -25.86 20.41 -18.97
C SER A 303 -26.23 20.10 -17.50
N GLY A 304 -26.34 18.81 -17.21
CA GLY A 304 -26.57 18.23 -15.90
C GLY A 304 -27.58 18.85 -14.97
N ALA A 305 -28.86 18.58 -15.19
CA ALA A 305 -29.91 19.01 -14.27
C ALA A 305 -29.75 18.29 -12.91
N PHE A 306 -29.25 17.03 -12.92
CA PHE A 306 -29.06 16.26 -11.69
C PHE A 306 -28.12 16.94 -10.70
N LEU A 307 -27.19 17.78 -11.19
CA LEU A 307 -26.23 18.50 -10.36
C LEU A 307 -26.94 19.51 -9.43
N THR A 308 -28.17 19.98 -9.79
CA THR A 308 -28.94 20.87 -8.94
C THR A 308 -29.60 20.13 -7.75
N MET A 309 -29.57 18.77 -7.73
CA MET A 309 -30.23 17.98 -6.68
C MET A 309 -29.23 17.32 -5.71
N LEU A 310 -28.02 17.85 -5.61
CA LEU A 310 -26.95 17.28 -4.79
C LEU A 310 -26.19 18.33 -3.93
N PRO A 311 -26.90 19.08 -3.07
CA PRO A 311 -26.23 20.10 -2.26
C PRO A 311 -25.37 19.60 -1.11
N ARG A 312 -25.48 18.32 -0.73
CA ARG A 312 -24.65 17.76 0.32
C ARG A 312 -23.65 16.72 -0.21
N LEU A 313 -23.47 16.65 -1.53
CA LEU A 313 -22.53 15.72 -2.12
C LEU A 313 -21.12 16.22 -1.89
N GLU A 314 -20.24 15.32 -1.45
CA GLU A 314 -18.86 15.61 -1.12
C GLU A 314 -17.90 15.07 -2.16
N ILE A 315 -18.20 13.91 -2.76
CA ILE A 315 -17.32 13.32 -3.77
C ILE A 315 -18.13 12.98 -5.01
N LEU A 316 -17.65 13.43 -6.16
CA LEU A 316 -18.29 13.14 -7.42
C LEU A 316 -17.20 12.57 -8.29
N ASP A 317 -17.40 11.35 -8.82
CA ASP A 317 -16.42 10.76 -9.71
C ASP A 317 -17.06 10.58 -11.09
N LEU A 318 -16.60 11.35 -12.07
CA LEU A 318 -17.07 11.28 -13.44
C LEU A 318 -15.93 10.86 -14.38
N SER A 319 -15.00 10.03 -13.89
CA SER A 319 -13.83 9.59 -14.66
C SER A 319 -14.20 8.66 -15.79
N PHE A 320 -13.37 8.65 -16.85
CA PHE A 320 -13.54 7.82 -18.04
C PHE A 320 -14.94 7.84 -18.64
N ASN A 321 -15.43 9.05 -18.90
CA ASN A 321 -16.66 9.24 -19.64
C ASN A 321 -16.37 9.72 -21.08
N TYR A 322 -15.09 9.65 -21.55
CA TYR A 322 -14.71 10.13 -22.87
C TYR A 322 -15.55 9.55 -24.00
N ILE A 323 -15.64 10.29 -25.10
CA ILE A 323 -16.30 9.83 -26.31
C ILE A 323 -15.17 9.26 -27.15
N LYS A 324 -15.29 7.99 -27.54
CA LYS A 324 -14.28 7.32 -28.36
C LYS A 324 -14.14 8.10 -29.69
N GLY A 325 -12.92 8.44 -30.09
CA GLY A 325 -12.71 9.19 -31.32
C GLY A 325 -12.82 10.72 -31.21
N SER A 326 -13.17 11.24 -30.04
CA SER A 326 -13.30 12.69 -29.85
C SER A 326 -12.24 13.23 -28.89
N TYR A 327 -11.42 14.15 -29.36
CA TYR A 327 -10.37 14.81 -28.58
C TYR A 327 -10.65 16.31 -28.65
N PRO A 328 -11.68 16.80 -27.94
CA PRO A 328 -12.03 18.23 -28.06
C PRO A 328 -10.98 19.16 -27.49
N GLN A 329 -11.08 20.44 -27.86
CA GLN A 329 -10.11 21.44 -27.41
C GLN A 329 -10.33 21.73 -25.92
N HIS A 330 -11.59 21.80 -25.47
CA HIS A 330 -11.88 22.16 -24.09
C HIS A 330 -12.83 21.21 -23.39
N ILE A 331 -12.77 21.21 -22.05
CA ILE A 331 -13.71 20.48 -21.21
C ILE A 331 -14.95 21.40 -21.06
N ASN A 332 -16.16 20.83 -21.17
CA ASN A 332 -17.39 21.61 -21.07
C ASN A 332 -18.10 21.24 -19.76
N ILE A 333 -17.85 22.05 -18.70
CA ILE A 333 -18.41 21.88 -17.36
C ILE A 333 -19.66 22.77 -17.25
N SER A 334 -20.81 22.17 -16.91
CA SER A 334 -22.06 22.89 -16.75
C SER A 334 -21.96 23.93 -15.67
N ARG A 335 -22.69 25.06 -15.84
CA ARG A 335 -22.81 26.07 -14.78
C ARG A 335 -23.42 25.43 -13.50
N ASN A 336 -24.20 24.33 -13.65
CA ASN A 336 -24.81 23.63 -12.52
C ASN A 336 -23.81 22.96 -11.57
N PHE A 337 -22.52 22.83 -11.96
CA PHE A 337 -21.53 22.34 -10.99
C PHE A 337 -21.40 23.34 -9.81
N SER A 338 -21.72 24.63 -10.02
CA SER A 338 -21.72 25.64 -8.97
C SER A 338 -22.73 25.33 -7.86
N LYS A 339 -23.72 24.47 -8.12
CA LYS A 339 -24.73 24.09 -7.13
C LYS A 339 -24.23 23.01 -6.17
N LEU A 340 -23.05 22.38 -6.45
CA LEU A 340 -22.51 21.35 -5.59
C LEU A 340 -21.71 22.04 -4.47
N LEU A 341 -22.42 22.78 -3.61
CA LEU A 341 -21.75 23.58 -2.57
C LEU A 341 -21.01 22.78 -1.50
N SER A 342 -21.32 21.50 -1.29
CA SER A 342 -20.58 20.68 -0.31
C SER A 342 -19.41 19.91 -0.94
N LEU A 343 -19.24 19.96 -2.26
CA LEU A 343 -18.20 19.20 -2.95
C LEU A 343 -16.80 19.42 -2.38
N ARG A 344 -16.11 18.32 -2.09
CA ARG A 344 -14.75 18.28 -1.55
C ARG A 344 -13.78 17.67 -2.55
N ALA A 345 -14.24 16.73 -3.41
CA ALA A 345 -13.35 16.14 -4.41
C ALA A 345 -14.11 15.91 -5.68
N LEU A 346 -13.50 16.29 -6.81
CA LEU A 346 -14.10 16.11 -8.12
C LEU A 346 -13.10 15.33 -8.95
N HIS A 347 -13.49 14.12 -9.37
CA HIS A 347 -12.61 13.29 -10.18
C HIS A 347 -13.09 13.33 -11.62
N LEU A 348 -12.25 13.85 -12.53
CA LEU A 348 -12.57 13.96 -13.95
C LEU A 348 -11.42 13.43 -14.78
N ARG A 349 -10.97 12.23 -14.44
CA ARG A 349 -9.93 11.56 -15.23
C ARG A 349 -10.60 11.10 -16.54
N GLY A 350 -9.82 10.89 -17.58
CA GLY A 350 -10.33 10.31 -18.81
C GLY A 350 -11.57 10.93 -19.44
N TYR A 351 -11.76 12.25 -19.30
CA TYR A 351 -12.77 13.01 -20.04
C TYR A 351 -12.18 13.19 -21.45
N VAL A 352 -10.88 13.60 -21.52
CA VAL A 352 -10.06 13.75 -22.73
C VAL A 352 -10.32 15.10 -23.41
N PHE A 353 -9.32 15.99 -23.34
CA PHE A 353 -9.42 17.32 -23.94
C PHE A 353 -8.02 17.94 -24.02
N GLN A 354 -7.83 18.86 -24.95
CA GLN A 354 -6.50 19.38 -25.24
C GLN A 354 -6.00 20.46 -24.30
N GLU A 355 -6.87 21.41 -23.88
CA GLU A 355 -6.42 22.52 -23.05
C GLU A 355 -7.39 22.89 -21.97
N LEU A 356 -6.87 23.24 -20.79
CA LEU A 356 -7.68 23.68 -19.67
C LEU A 356 -7.47 25.18 -19.53
N ARG A 357 -8.53 25.97 -19.81
CA ARG A 357 -8.51 27.44 -19.75
CA ARG A 357 -8.40 27.42 -19.68
C ARG A 357 -9.27 27.94 -18.53
N GLU A 358 -8.99 29.18 -18.10
CA GLU A 358 -9.65 29.83 -16.97
C GLU A 358 -11.17 29.79 -17.07
N ASP A 359 -11.70 30.13 -18.25
CA ASP A 359 -13.16 30.17 -18.43
C ASP A 359 -13.84 28.81 -18.21
N ASP A 360 -13.14 27.71 -18.55
CA ASP A 360 -13.70 26.36 -18.46
C ASP A 360 -14.03 25.88 -17.04
N PHE A 361 -13.31 26.36 -16.03
CA PHE A 361 -13.54 25.96 -14.64
C PHE A 361 -14.21 27.03 -13.78
N GLN A 362 -14.84 28.05 -14.39
CA GLN A 362 -15.55 29.09 -13.63
C GLN A 362 -16.63 28.49 -12.71
N PRO A 363 -17.43 27.48 -13.12
CA PRO A 363 -18.41 26.90 -12.19
C PRO A 363 -17.81 26.28 -10.93
N LEU A 364 -16.57 25.77 -10.97
CA LEU A 364 -15.93 25.16 -9.79
C LEU A 364 -15.34 26.17 -8.81
N MET A 365 -14.98 27.37 -9.28
CA MET A 365 -14.33 28.39 -8.47
C MET A 365 -15.19 28.95 -7.34
N GLN A 366 -16.51 28.91 -7.43
CA GLN A 366 -17.36 29.41 -6.33
C GLN A 366 -17.56 28.33 -5.24
N LEU A 367 -17.13 27.06 -5.45
CA LEU A 367 -17.34 26.00 -4.46
C LEU A 367 -16.40 26.22 -3.26
N PRO A 368 -16.94 26.42 -2.04
CA PRO A 368 -16.09 26.77 -0.90
C PRO A 368 -15.16 25.71 -0.33
N ASN A 369 -15.47 24.43 -0.48
CA ASN A 369 -14.65 23.39 0.11
C ASN A 369 -14.14 22.37 -0.89
N LEU A 370 -14.05 22.75 -2.19
CA LEU A 370 -13.51 21.83 -3.20
C LEU A 370 -12.00 21.78 -2.98
N SER A 371 -11.50 20.69 -2.39
CA SER A 371 -10.10 20.55 -2.01
C SER A 371 -9.28 19.64 -2.90
N THR A 372 -9.92 18.76 -3.68
CA THR A 372 -9.20 17.88 -4.57
C THR A 372 -9.80 17.98 -5.96
N ILE A 373 -8.96 18.13 -6.99
CA ILE A 373 -9.38 18.14 -8.38
CA ILE A 373 -9.36 18.16 -8.39
C ILE A 373 -8.46 17.14 -9.07
N ASN A 374 -9.04 16.10 -9.66
CA ASN A 374 -8.26 15.06 -10.30
C ASN A 374 -8.52 15.09 -11.79
N LEU A 375 -7.51 15.51 -12.56
CA LEU A 375 -7.56 15.58 -14.00
C LEU A 375 -6.52 14.66 -14.64
N GLY A 376 -6.26 13.52 -14.00
CA GLY A 376 -5.30 12.56 -14.55
C GLY A 376 -5.82 11.94 -15.83
N ILE A 377 -4.92 11.59 -16.75
CA ILE A 377 -5.25 10.85 -17.97
C ILE A 377 -6.31 11.54 -18.84
N ASN A 378 -6.07 12.78 -19.21
CA ASN A 378 -6.96 13.54 -20.09
C ASN A 378 -6.25 13.97 -21.38
N PHE A 379 -4.98 13.59 -21.59
CA PHE A 379 -4.17 14.01 -22.71
C PHE A 379 -4.14 15.55 -22.84
N ILE A 380 -4.12 16.24 -21.69
CA ILE A 380 -4.10 17.70 -21.69
C ILE A 380 -2.71 18.15 -22.15
N LYS A 381 -2.64 19.09 -23.09
CA LYS A 381 -1.39 19.64 -23.62
CA LYS A 381 -1.38 19.63 -23.61
C LYS A 381 -1.01 20.96 -22.96
N GLN A 382 -2.00 21.82 -22.66
CA GLN A 382 -1.70 23.13 -22.06
C GLN A 382 -2.73 23.51 -21.02
N ILE A 383 -2.30 24.33 -20.05
CA ILE A 383 -3.12 24.79 -18.94
C ILE A 383 -2.86 26.25 -18.60
N ASP A 384 -3.92 27.03 -18.34
CA ASP A 384 -3.79 28.38 -17.82
C ASP A 384 -3.62 28.15 -16.32
N PHE A 385 -2.37 27.98 -15.84
CA PHE A 385 -2.15 27.71 -14.43
C PHE A 385 -2.70 28.78 -13.50
N LYS A 386 -2.90 30.01 -13.99
CA LYS A 386 -3.46 31.08 -13.16
C LYS A 386 -4.85 30.74 -12.62
N LEU A 387 -5.62 29.89 -13.32
CA LEU A 387 -6.95 29.51 -12.84
C LEU A 387 -6.92 28.87 -11.44
N PHE A 388 -5.82 28.19 -11.07
CA PHE A 388 -5.73 27.54 -9.76
C PHE A 388 -5.55 28.53 -8.61
N GLN A 389 -5.29 29.81 -8.88
CA GLN A 389 -5.22 30.83 -7.82
C GLN A 389 -6.62 31.25 -7.35
N ASN A 390 -7.68 30.93 -8.12
CA ASN A 390 -9.01 31.40 -7.82
C ASN A 390 -9.95 30.38 -7.15
N PHE A 391 -9.42 29.53 -6.26
CA PHE A 391 -10.19 28.53 -5.52
C PHE A 391 -10.10 28.81 -4.00
N SER A 392 -11.14 28.49 -3.23
CA SER A 392 -11.15 28.77 -1.78
C SER A 392 -10.18 27.91 -0.98
N ASN A 393 -10.24 26.58 -1.18
CA ASN A 393 -9.44 25.66 -0.38
C ASN A 393 -8.98 24.50 -1.20
N LEU A 394 -8.41 24.78 -2.37
CA LEU A 394 -7.86 23.74 -3.23
C LEU A 394 -6.57 23.25 -2.57
N GLU A 395 -6.49 21.98 -2.20
CA GLU A 395 -5.33 21.39 -1.53
C GLU A 395 -4.54 20.44 -2.42
N ILE A 396 -5.23 19.72 -3.34
CA ILE A 396 -4.61 18.73 -4.21
C ILE A 396 -5.00 19.01 -5.66
N ILE A 397 -3.99 19.35 -6.48
CA ILE A 397 -4.19 19.65 -7.89
C ILE A 397 -3.51 18.48 -8.58
N TYR A 398 -4.27 17.45 -8.96
CA TYR A 398 -3.69 16.24 -9.53
C TYR A 398 -3.79 16.22 -11.08
N LEU A 399 -2.66 16.52 -11.74
CA LEU A 399 -2.58 16.58 -13.20
C LEU A 399 -1.62 15.53 -13.79
N SER A 400 -1.37 14.45 -13.06
CA SER A 400 -0.45 13.41 -13.48
C SER A 400 -0.95 12.69 -14.72
N GLU A 401 -0.02 12.28 -15.58
CA GLU A 401 -0.35 11.51 -16.75
C GLU A 401 -1.22 12.28 -17.73
N ASN A 402 -0.63 13.31 -18.29
CA ASN A 402 -1.25 14.13 -19.32
C ASN A 402 -0.14 14.35 -20.41
N ARG A 403 -0.24 15.37 -21.23
CA ARG A 403 0.73 15.67 -22.28
C ARG A 403 1.21 17.10 -22.13
N ILE A 404 1.34 17.57 -20.88
CA ILE A 404 1.71 18.94 -20.58
C ILE A 404 3.15 19.15 -20.97
N SER A 405 3.38 20.13 -21.80
CA SER A 405 4.70 20.44 -22.32
C SER A 405 5.16 21.81 -21.79
N PRO A 406 6.42 22.25 -22.00
CA PRO A 406 6.83 23.57 -21.49
C PRO A 406 5.93 24.70 -21.97
N LEU A 407 5.51 25.55 -21.03
CA LEU A 407 4.61 26.67 -21.29
C LEU A 407 5.15 27.59 -22.38
N VAL A 408 4.29 27.93 -23.36
CA VAL A 408 4.69 28.82 -24.47
C VAL A 408 4.39 30.27 -24.08
N GLU A 434 -6.40 -11.53 -9.30
CA GLU A 434 -6.24 -10.55 -10.37
CA GLU A 434 -6.23 -10.56 -10.38
C GLU A 434 -6.88 -9.22 -9.99
N PHE A 435 -8.11 -9.27 -9.46
CA PHE A 435 -8.80 -8.08 -9.02
C PHE A 435 -9.05 -8.33 -7.56
N ASP A 436 -8.49 -7.48 -6.69
CA ASP A 436 -8.64 -7.61 -5.26
C ASP A 436 -10.13 -7.46 -4.91
N PRO A 437 -10.82 -8.51 -4.43
CA PRO A 437 -12.25 -8.34 -4.12
C PRO A 437 -12.55 -7.34 -3.01
N HIS A 438 -11.56 -6.99 -2.18
CA HIS A 438 -11.74 -6.05 -1.08
C HIS A 438 -11.37 -4.60 -1.44
N SER A 439 -11.14 -4.30 -2.72
CA SER A 439 -10.84 -2.93 -3.14
C SER A 439 -11.85 -2.46 -4.22
N ASN A 440 -11.78 -1.18 -4.56
CA ASN A 440 -12.61 -0.59 -5.59
C ASN A 440 -12.19 -1.11 -6.94
N PHE A 441 -13.15 -1.55 -7.75
CA PHE A 441 -12.88 -2.14 -9.06
C PHE A 441 -12.66 -1.09 -10.17
N TYR A 442 -13.20 0.10 -10.01
CA TYR A 442 -13.12 1.13 -11.05
C TYR A 442 -12.03 2.18 -10.85
N HIS A 443 -11.41 2.26 -9.67
CA HIS A 443 -10.30 3.19 -9.45
C HIS A 443 -9.47 2.78 -8.24
N PHE A 444 -8.18 3.18 -8.23
CA PHE A 444 -7.31 2.91 -7.08
C PHE A 444 -7.77 3.77 -5.90
N THR A 445 -7.58 3.28 -4.69
CA THR A 445 -8.00 4.02 -3.48
C THR A 445 -6.84 4.69 -2.74
N ARG A 446 -5.58 4.52 -3.18
CA ARG A 446 -4.44 5.16 -2.53
C ARG A 446 -4.52 6.69 -2.61
N PRO A 447 -3.83 7.45 -1.72
CA PRO A 447 -3.86 8.92 -1.86
C PRO A 447 -3.31 9.34 -3.22
N LEU A 448 -3.87 10.41 -3.81
CA LEU A 448 -3.40 10.87 -5.12
C LEU A 448 -1.94 11.35 -5.02
N ILE A 449 -1.64 12.08 -3.95
CA ILE A 449 -0.31 12.59 -3.67
C ILE A 449 0.14 11.99 -2.34
N LYS A 450 1.44 11.67 -2.21
CA LYS A 450 1.98 11.07 -0.98
C LYS A 450 1.62 11.92 0.24
N PRO A 451 1.00 11.35 1.30
CA PRO A 451 0.62 12.19 2.45
C PRO A 451 1.79 13.00 3.03
N GLN A 452 3.01 12.45 2.98
CA GLN A 452 4.21 13.13 3.47
C GLN A 452 4.46 14.46 2.72
N CYS A 453 4.10 14.53 1.41
CA CYS A 453 4.27 15.73 0.58
C CYS A 453 3.06 16.66 0.80
N ALA A 454 1.85 16.10 0.68
CA ALA A 454 0.60 16.86 0.83
C ALA A 454 0.46 17.53 2.20
N ALA A 455 1.06 16.95 3.25
CA ALA A 455 0.98 17.51 4.60
C ALA A 455 1.57 18.90 4.71
N TYR A 456 2.51 19.27 3.82
CA TYR A 456 3.13 20.60 3.90
C TYR A 456 2.26 21.76 3.44
N GLY A 457 1.26 21.50 2.60
CA GLY A 457 0.37 22.54 2.10
C GLY A 457 -0.12 22.22 0.70
N LYS A 458 -0.46 23.27 -0.07
CA LYS A 458 -0.99 23.11 -1.45
C LYS A 458 -0.09 22.20 -2.28
N ALA A 459 -0.67 21.14 -2.83
CA ALA A 459 0.09 20.16 -3.58
C ALA A 459 -0.28 20.17 -5.05
N LEU A 460 0.75 20.18 -5.91
CA LEU A 460 0.57 20.19 -7.34
C LEU A 460 1.30 18.97 -7.89
N ASP A 461 0.56 18.05 -8.51
CA ASP A 461 1.18 16.87 -9.11
C ASP A 461 1.18 16.98 -10.62
N LEU A 462 2.35 17.21 -11.20
CA LEU A 462 2.55 17.27 -12.66
C LEU A 462 3.42 16.09 -13.14
N SER A 463 3.43 14.96 -12.41
CA SER A 463 4.24 13.81 -12.82
C SER A 463 3.70 13.16 -14.08
N LEU A 464 4.57 12.46 -14.80
CA LEU A 464 4.20 11.75 -16.01
C LEU A 464 3.59 12.68 -17.04
N ASN A 465 4.29 13.76 -17.30
CA ASN A 465 3.96 14.74 -18.32
C ASN A 465 5.23 14.91 -19.19
N SER A 466 5.35 15.96 -19.99
CA SER A 466 6.50 16.21 -20.85
C SER A 466 7.07 17.62 -20.62
N ILE A 467 7.17 18.06 -19.35
CA ILE A 467 7.74 19.38 -19.02
C ILE A 467 9.24 19.15 -18.97
N PHE A 468 9.82 18.95 -20.15
CA PHE A 468 11.23 18.59 -20.30
C PHE A 468 12.20 19.72 -19.97
N PHE A 469 11.72 20.96 -19.89
CA PHE A 469 12.53 22.13 -19.61
C PHE A 469 11.64 23.14 -18.90
N ILE A 470 12.10 23.65 -17.76
CA ILE A 470 11.40 24.64 -16.96
C ILE A 470 11.97 25.98 -17.31
N GLY A 471 11.25 26.73 -18.15
CA GLY A 471 11.65 28.08 -18.55
C GLY A 471 11.34 29.12 -17.48
N PRO A 472 11.73 30.38 -17.68
CA PRO A 472 11.51 31.39 -16.64
C PRO A 472 10.06 31.75 -16.30
N ASN A 473 9.06 31.38 -17.13
CA ASN A 473 7.64 31.72 -16.89
C ASN A 473 6.72 30.49 -16.66
N GLN A 474 7.29 29.28 -16.53
CA GLN A 474 6.54 28.03 -16.35
C GLN A 474 5.60 28.05 -15.14
N PHE A 475 6.09 28.49 -13.98
CA PHE A 475 5.32 28.53 -12.74
C PHE A 475 4.83 29.95 -12.36
N GLU A 476 4.95 30.93 -13.29
CA GLU A 476 4.62 32.34 -13.10
C GLU A 476 3.31 32.61 -12.35
N ASN A 477 2.18 32.07 -12.84
CA ASN A 477 0.88 32.37 -12.26
C ASN A 477 0.33 31.27 -11.37
N LEU A 478 1.19 30.42 -10.80
CA LEU A 478 0.72 29.38 -9.90
C LEU A 478 0.50 29.98 -8.53
N PRO A 479 -0.47 29.45 -7.77
CA PRO A 479 -0.57 29.88 -6.37
C PRO A 479 0.62 29.31 -5.58
N ASP A 480 0.75 29.71 -4.31
CA ASP A 480 1.84 29.23 -3.46
C ASP A 480 1.75 27.70 -3.30
N ILE A 481 2.71 26.98 -3.87
CA ILE A 481 2.76 25.54 -3.81
C ILE A 481 3.75 25.13 -2.72
N ALA A 482 3.35 24.17 -1.86
CA ALA A 482 4.22 23.61 -0.81
C ALA A 482 4.76 22.22 -1.21
N CYS A 483 4.05 21.49 -2.07
CA CYS A 483 4.38 20.12 -2.43
C CYS A 483 4.29 20.06 -3.95
N LEU A 484 5.41 19.79 -4.63
CA LEU A 484 5.41 19.77 -6.08
C LEU A 484 5.99 18.45 -6.59
N ASN A 485 5.25 17.76 -7.46
CA ASN A 485 5.74 16.54 -8.05
C ASN A 485 5.99 16.74 -9.55
N LEU A 486 7.25 16.67 -9.95
CA LEU A 486 7.67 16.76 -11.35
C LEU A 486 8.34 15.46 -11.80
N SER A 487 8.01 14.33 -11.16
CA SER A 487 8.58 13.04 -11.53
C SER A 487 8.23 12.68 -12.95
N ALA A 488 9.13 11.98 -13.64
CA ALA A 488 8.84 11.46 -14.98
C ALA A 488 8.32 12.51 -15.97
N ASN A 489 9.10 13.56 -16.19
CA ASN A 489 8.81 14.60 -17.17
C ASN A 489 9.89 14.69 -18.26
N SER A 490 10.79 13.69 -18.36
CA SER A 490 11.88 13.69 -19.35
C SER A 490 12.74 14.95 -19.22
N ASN A 491 12.88 15.49 -18.00
CA ASN A 491 13.62 16.72 -17.81
C ASN A 491 15.10 16.47 -17.79
N ALA A 492 15.82 17.03 -18.74
CA ALA A 492 17.27 16.88 -18.85
C ALA A 492 18.01 18.22 -18.69
N GLN A 493 17.40 19.20 -18.01
CA GLN A 493 18.00 20.52 -17.91
C GLN A 493 19.02 20.61 -16.77
N VAL A 494 19.80 21.68 -16.81
CA VAL A 494 20.72 22.04 -15.77
C VAL A 494 19.97 23.07 -14.91
N LEU A 495 19.44 22.65 -13.75
CA LEU A 495 18.78 23.56 -12.81
C LEU A 495 19.88 24.50 -12.28
N SER A 496 19.59 25.79 -12.22
CA SER A 496 20.61 26.79 -11.90
CA SER A 496 20.62 26.79 -11.88
C SER A 496 20.19 27.84 -10.87
N GLY A 497 19.17 27.57 -10.08
CA GLY A 497 18.74 28.48 -9.03
C GLY A 497 17.70 29.54 -9.36
N THR A 498 17.06 29.48 -10.53
CA THR A 498 16.03 30.46 -10.90
C THR A 498 14.70 29.85 -11.32
N GLU A 499 14.69 28.58 -11.72
CA GLU A 499 13.51 27.88 -12.23
C GLU A 499 12.27 27.88 -11.34
N PHE A 500 12.47 27.80 -10.03
CA PHE A 500 11.36 27.76 -9.07
C PHE A 500 11.19 29.08 -8.30
N SER A 501 11.65 30.22 -8.87
CA SER A 501 11.55 31.51 -8.19
C SER A 501 10.12 31.99 -7.97
N ALA A 502 9.16 31.59 -8.84
CA ALA A 502 7.75 31.98 -8.70
C ALA A 502 6.99 31.15 -7.64
N ILE A 503 7.56 30.02 -7.19
CA ILE A 503 6.97 29.18 -6.13
C ILE A 503 8.12 28.88 -5.16
N PRO A 504 8.65 29.90 -4.45
CA PRO A 504 9.85 29.70 -3.61
C PRO A 504 9.63 29.01 -2.27
N HIS A 505 8.38 28.69 -1.90
CA HIS A 505 8.10 28.05 -0.61
C HIS A 505 7.81 26.56 -0.75
N VAL A 506 8.29 25.90 -1.82
CA VAL A 506 8.13 24.46 -1.95
C VAL A 506 8.93 23.79 -0.81
N LYS A 507 8.26 22.94 -0.02
CA LYS A 507 8.88 22.22 1.08
C LYS A 507 9.24 20.78 0.70
N TYR A 508 8.49 20.16 -0.22
CA TYR A 508 8.71 18.80 -0.64
C TYR A 508 8.72 18.82 -2.16
N LEU A 509 9.86 18.46 -2.77
CA LEU A 509 9.99 18.50 -4.22
C LEU A 509 10.40 17.13 -4.73
N ASP A 510 9.57 16.53 -5.59
CA ASP A 510 9.87 15.22 -6.15
C ASP A 510 10.30 15.43 -7.61
N LEU A 511 11.58 15.17 -7.91
CA LEU A 511 12.11 15.27 -9.29
C LEU A 511 12.62 13.90 -9.77
N THR A 512 12.06 12.81 -9.24
CA THR A 512 12.50 11.48 -9.59
C THR A 512 12.22 11.13 -11.03
N ASN A 513 12.99 10.18 -11.58
CA ASN A 513 12.71 9.62 -12.89
C ASN A 513 12.73 10.64 -13.99
N ASN A 514 13.78 11.44 -13.99
CA ASN A 514 14.04 12.42 -15.05
C ASN A 514 15.46 12.11 -15.58
N ARG A 515 16.02 13.00 -16.39
CA ARG A 515 17.37 12.89 -16.90
C ARG A 515 18.13 14.15 -16.45
N LEU A 516 17.88 14.64 -15.21
CA LEU A 516 18.49 15.90 -14.79
C LEU A 516 20.00 15.90 -14.85
N ASP A 517 20.55 17.01 -15.29
CA ASP A 517 21.96 17.21 -15.48
C ASP A 517 22.44 18.13 -14.37
N PHE A 518 22.97 17.53 -13.29
CA PHE A 518 23.40 18.33 -12.14
C PHE A 518 24.73 18.97 -12.47
N ASP A 519 24.67 20.15 -13.12
CA ASP A 519 25.89 20.82 -13.59
C ASP A 519 25.96 22.29 -13.16
N ASN A 520 25.32 22.65 -12.05
CA ASN A 520 25.37 24.02 -11.55
C ASN A 520 25.25 23.99 -10.02
N ALA A 521 26.25 24.55 -9.34
CA ALA A 521 26.30 24.61 -7.88
C ALA A 521 25.13 25.36 -7.23
N SER A 522 24.42 26.19 -7.99
CA SER A 522 23.27 26.97 -7.47
C SER A 522 21.93 26.27 -7.70
N ALA A 523 21.90 25.04 -8.26
CA ALA A 523 20.64 24.32 -8.51
C ALA A 523 19.70 24.31 -7.31
N LEU A 524 18.41 24.61 -7.52
CA LEU A 524 17.36 24.53 -6.48
C LEU A 524 17.53 25.42 -5.23
N THR A 525 18.59 26.25 -5.16
CA THR A 525 18.85 27.10 -3.99
C THR A 525 17.81 28.22 -3.78
N GLU A 526 17.00 28.57 -4.81
CA GLU A 526 15.91 29.52 -4.65
C GLU A 526 14.80 28.97 -3.71
N LEU A 527 14.74 27.63 -3.50
CA LEU A 527 13.78 27.00 -2.60
C LEU A 527 14.37 27.02 -1.19
N SER A 528 14.40 28.21 -0.56
CA SER A 528 14.98 28.45 0.76
CA SER A 528 15.05 28.37 0.74
C SER A 528 14.41 27.57 1.86
N ASP A 529 13.12 27.25 1.76
CA ASP A 529 12.45 26.45 2.79
C ASP A 529 12.39 24.94 2.47
N LEU A 530 13.14 24.46 1.45
CA LEU A 530 13.07 23.06 1.06
C LEU A 530 13.46 22.11 2.21
N GLU A 531 12.57 21.15 2.52
CA GLU A 531 12.78 20.18 3.60
C GLU A 531 12.99 18.77 3.07
N VAL A 532 12.29 18.40 2.00
CA VAL A 532 12.44 17.06 1.43
C VAL A 532 12.73 17.20 -0.04
N LEU A 533 13.80 16.55 -0.53
CA LEU A 533 14.14 16.61 -1.94
C LEU A 533 14.37 15.19 -2.46
N ASP A 534 13.61 14.74 -3.48
CA ASP A 534 13.80 13.41 -4.03
C ASP A 534 14.38 13.51 -5.44
N LEU A 535 15.67 13.15 -5.60
CA LEU A 535 16.37 13.14 -6.88
C LEU A 535 16.60 11.68 -7.36
N SER A 536 15.85 10.69 -6.85
CA SER A 536 16.02 9.30 -7.26
C SER A 536 15.83 9.12 -8.76
N TYR A 537 16.55 8.17 -9.37
CA TYR A 537 16.40 7.84 -10.77
C TYR A 537 16.64 9.02 -11.74
N ASN A 538 17.79 9.69 -11.57
CA ASN A 538 18.29 10.72 -12.48
C ASN A 538 19.73 10.33 -12.83
N SER A 539 19.95 9.05 -13.16
CA SER A 539 21.28 8.54 -13.45
C SER A 539 21.84 8.94 -14.79
N HIS A 540 21.01 9.42 -15.73
CA HIS A 540 21.47 9.71 -17.10
C HIS A 540 22.87 10.36 -17.22
N TYR A 541 23.08 11.53 -16.61
CA TYR A 541 24.36 12.22 -16.74
C TYR A 541 25.38 11.75 -15.73
N PHE A 542 24.94 11.29 -14.54
CA PHE A 542 25.88 10.76 -13.55
C PHE A 542 26.66 9.57 -14.08
N ARG A 543 26.04 8.74 -14.94
CA ARG A 543 26.73 7.58 -15.46
C ARG A 543 27.83 7.94 -16.50
N ILE A 544 27.85 9.19 -17.03
CA ILE A 544 28.85 9.59 -18.05
C ILE A 544 30.08 10.21 -17.37
N ALA A 545 31.25 9.55 -17.41
CA ALA A 545 32.44 10.06 -16.72
C ALA A 545 32.89 11.42 -17.22
N GLY A 546 32.82 11.61 -18.54
CA GLY A 546 33.33 12.79 -19.23
C GLY A 546 32.58 14.09 -19.08
N VAL A 547 31.38 14.05 -18.50
CA VAL A 547 30.62 15.27 -18.26
C VAL A 547 30.80 15.65 -16.80
N THR A 548 30.59 16.91 -16.49
CA THR A 548 30.80 17.40 -15.13
C THR A 548 29.57 17.11 -14.28
N HIS A 549 29.79 16.96 -12.97
CA HIS A 549 28.70 16.62 -12.04
C HIS A 549 28.91 17.44 -10.78
N HIS A 550 27.87 18.17 -10.36
CA HIS A 550 27.94 19.12 -9.25
C HIS A 550 26.82 18.92 -8.23
N LEU A 551 27.15 18.49 -7.02
CA LEU A 551 26.18 18.31 -5.94
C LEU A 551 26.40 19.32 -4.79
N GLU A 552 27.17 20.41 -5.01
CA GLU A 552 27.47 21.41 -3.97
C GLU A 552 26.24 22.14 -3.48
N PHE A 553 25.15 22.19 -4.28
CA PHE A 553 23.93 22.90 -3.89
C PHE A 553 23.32 22.38 -2.60
N ILE A 554 23.58 21.12 -2.23
CA ILE A 554 23.01 20.51 -1.01
C ILE A 554 23.31 21.37 0.24
N GLN A 555 24.53 21.92 0.34
CA GLN A 555 24.96 22.73 1.49
C GLN A 555 24.19 24.03 1.71
N ASN A 556 23.59 24.60 0.66
CA ASN A 556 22.92 25.91 0.80
C ASN A 556 21.62 25.90 1.52
N PHE A 557 20.95 24.75 1.60
CA PHE A 557 19.68 24.65 2.28
C PHE A 557 19.81 24.68 3.80
N THR A 558 19.13 25.62 4.46
CA THR A 558 19.15 25.75 5.90
C THR A 558 18.18 24.78 6.59
N ASN A 559 17.13 24.32 5.88
CA ASN A 559 16.12 23.45 6.47
C ASN A 559 15.96 22.10 5.76
N LEU A 560 16.92 21.66 4.92
CA LEU A 560 16.79 20.37 4.25
C LEU A 560 16.96 19.26 5.27
N LYS A 561 15.97 18.39 5.38
CA LYS A 561 15.96 17.29 6.33
C LYS A 561 16.19 15.94 5.66
N VAL A 562 15.58 15.72 4.48
CA VAL A 562 15.62 14.42 3.82
C VAL A 562 16.03 14.61 2.37
N LEU A 563 17.04 13.85 1.94
CA LEU A 563 17.53 13.93 0.58
C LEU A 563 17.66 12.51 0.09
N ASN A 564 17.07 12.25 -1.07
CA ASN A 564 17.16 10.91 -1.65
C ASN A 564 17.90 11.01 -2.99
N LEU A 565 19.11 10.45 -3.04
CA LEU A 565 19.91 10.40 -4.27
C LEU A 565 19.95 8.94 -4.78
N SER A 566 18.92 8.12 -4.50
CA SER A 566 18.94 6.71 -4.86
C SER A 566 18.93 6.46 -6.35
N HIS A 567 19.57 5.34 -6.75
CA HIS A 567 19.58 4.88 -8.14
C HIS A 567 20.04 5.93 -9.13
N ASN A 568 21.07 6.68 -8.77
CA ASN A 568 21.68 7.68 -9.65
C ASN A 568 23.01 7.22 -10.24
N ASN A 569 23.49 6.00 -9.91
CA ASN A 569 24.80 5.49 -10.40
C ASN A 569 25.93 6.52 -10.15
N ILE A 570 25.88 7.24 -9.00
CA ILE A 570 26.90 8.23 -8.72
C ILE A 570 28.23 7.54 -8.47
N TYR A 571 29.22 7.85 -9.30
CA TYR A 571 30.57 7.30 -9.14
C TYR A 571 31.67 8.32 -9.29
N THR A 572 31.37 9.54 -9.75
CA THR A 572 32.37 10.58 -9.96
C THR A 572 31.72 11.95 -9.87
N LEU A 573 32.37 12.87 -9.16
CA LEU A 573 31.94 14.26 -8.98
C LEU A 573 33.07 15.21 -9.40
N THR A 574 32.71 16.45 -9.78
CA THR A 574 33.69 17.43 -10.26
C THR A 574 34.08 18.44 -9.20
N ASP A 575 35.36 18.51 -8.85
CA ASP A 575 35.94 19.48 -7.91
C ASP A 575 35.54 19.25 -6.45
N LYS A 576 34.23 19.25 -6.12
CA LYS A 576 33.80 19.04 -4.75
C LYS A 576 33.35 17.59 -4.63
N TYR A 577 34.11 16.83 -3.86
CA TYR A 577 33.86 15.40 -3.68
C TYR A 577 32.97 15.10 -2.50
N ASN A 578 32.66 16.09 -1.64
CA ASN A 578 31.90 15.90 -0.43
C ASN A 578 30.51 16.47 -0.43
N LEU A 579 29.60 15.80 0.28
CA LEU A 579 28.24 16.28 0.54
C LEU A 579 28.31 16.93 1.92
N GLU A 580 27.77 18.16 2.05
CA GLU A 580 27.83 18.90 3.31
C GLU A 580 26.46 19.48 3.59
N SER A 581 26.08 19.51 4.86
CA SER A 581 24.80 20.10 5.27
C SER A 581 24.74 20.15 6.78
N LYS A 582 24.42 21.31 7.34
CA LYS A 582 24.25 21.43 8.78
C LYS A 582 22.87 20.92 9.24
N SER A 583 21.88 20.82 8.33
CA SER A 583 20.51 20.42 8.69
C SER A 583 20.15 18.97 8.36
N LEU A 584 20.71 18.39 7.28
CA LEU A 584 20.27 17.08 6.82
C LEU A 584 20.26 15.99 7.90
N VAL A 585 19.13 15.30 8.01
CA VAL A 585 18.87 14.23 8.97
C VAL A 585 18.92 12.86 8.31
N GLU A 586 18.41 12.74 7.07
CA GLU A 586 18.36 11.46 6.39
C GLU A 586 18.92 11.59 4.99
N LEU A 587 19.82 10.68 4.60
CA LEU A 587 20.35 10.65 3.25
C LEU A 587 20.14 9.23 2.74
N VAL A 588 19.46 9.07 1.61
CA VAL A 588 19.31 7.78 0.98
C VAL A 588 20.30 7.78 -0.18
N PHE A 589 21.33 6.94 -0.12
CA PHE A 589 22.35 6.85 -1.17
C PHE A 589 22.37 5.45 -1.84
N SER A 590 21.25 4.71 -1.75
CA SER A 590 21.21 3.38 -2.33
C SER A 590 21.29 3.43 -3.83
N GLY A 591 21.81 2.37 -4.46
CA GLY A 591 21.82 2.29 -5.91
C GLY A 591 22.82 3.21 -6.57
N ASN A 592 23.88 3.55 -5.85
CA ASN A 592 24.97 4.36 -6.40
C ASN A 592 26.23 3.47 -6.46
N ARG A 593 27.42 4.06 -6.64
CA ARG A 593 28.63 3.27 -6.77
C ARG A 593 29.68 3.67 -5.77
N LEU A 594 29.36 3.49 -4.47
CA LEU A 594 30.36 3.67 -3.43
C LEU A 594 31.50 2.66 -3.59
N ASP A 595 31.29 1.52 -4.29
CA ASP A 595 32.39 0.60 -4.58
C ASP A 595 33.48 1.31 -5.40
N ILE A 596 33.07 2.22 -6.33
CA ILE A 596 34.00 3.01 -7.12
C ILE A 596 34.49 4.22 -6.30
N LEU A 597 33.57 5.01 -5.69
CA LEU A 597 33.98 6.19 -4.90
C LEU A 597 34.97 5.85 -3.79
N TRP A 598 34.77 4.69 -3.14
CA TRP A 598 35.65 4.25 -2.06
C TRP A 598 36.61 3.17 -2.51
N ASN A 599 37.04 3.19 -3.77
CA ASN A 599 38.06 2.25 -4.24
C ASN A 599 39.36 2.50 -3.42
N ASP A 600 40.06 1.43 -3.01
CA ASP A 600 41.23 1.60 -2.13
C ASP A 600 42.38 2.38 -2.76
N ASP A 601 42.38 2.58 -4.09
CA ASP A 601 43.44 3.37 -4.74
C ASP A 601 43.08 4.86 -4.90
N ASP A 602 41.92 5.29 -4.34
CA ASP A 602 41.47 6.65 -4.51
C ASP A 602 41.07 7.21 -3.16
N ASN A 603 41.69 8.32 -2.71
CA ASN A 603 41.38 8.93 -1.40
CA ASN A 603 41.35 8.90 -1.40
C ASN A 603 40.39 10.10 -1.49
N ARG A 604 39.99 10.51 -2.70
CA ARG A 604 39.16 11.70 -2.90
C ARG A 604 37.80 11.72 -2.21
N TYR A 605 37.13 10.59 -2.12
CA TYR A 605 35.77 10.52 -1.54
C TYR A 605 35.73 9.92 -0.13
N ILE A 606 36.87 9.78 0.55
CA ILE A 606 36.88 9.16 1.90
C ILE A 606 36.13 9.95 2.96
N SER A 607 35.82 11.23 2.72
CA SER A 607 35.04 12.05 3.67
C SER A 607 33.71 12.50 3.04
N ILE A 608 33.18 11.72 2.05
CA ILE A 608 32.00 12.11 1.27
C ILE A 608 30.77 12.49 2.12
N PHE A 609 30.52 11.81 3.22
CA PHE A 609 29.35 12.08 4.08
C PHE A 609 29.73 12.76 5.42
N LYS A 610 31.03 12.98 5.70
CA LYS A 610 31.47 13.55 6.98
C LYS A 610 30.83 14.90 7.33
N GLY A 611 30.66 15.75 6.33
CA GLY A 611 30.06 17.06 6.48
C GLY A 611 28.56 17.09 6.71
N LEU A 612 27.90 15.93 6.73
CA LEU A 612 26.48 15.85 7.03
C LEU A 612 26.43 15.70 8.54
N LYS A 613 26.68 16.81 9.22
CA LYS A 613 26.88 16.89 10.67
C LYS A 613 25.67 16.59 11.53
N ASN A 614 24.47 16.72 10.97
CA ASN A 614 23.24 16.43 11.72
C ASN A 614 22.62 15.08 11.28
N LEU A 615 23.33 14.27 10.47
CA LEU A 615 22.74 13.06 9.92
C LEU A 615 22.51 11.98 10.95
N THR A 616 21.30 11.41 10.98
CA THR A 616 20.99 10.32 11.88
C THR A 616 20.64 9.03 11.12
N ARG A 617 20.19 9.12 9.85
CA ARG A 617 19.81 7.95 9.05
CA ARG A 617 19.84 7.94 9.06
C ARG A 617 20.60 7.97 7.76
N LEU A 618 21.27 6.87 7.42
CA LEU A 618 22.05 6.81 6.20
C LEU A 618 21.83 5.46 5.55
N ASP A 619 21.49 5.46 4.24
CA ASP A 619 21.26 4.21 3.51
C ASP A 619 22.31 4.08 2.44
N LEU A 620 23.21 3.12 2.62
CA LEU A 620 24.26 2.81 1.65
C LEU A 620 23.97 1.47 0.99
N SER A 621 22.68 1.03 0.92
CA SER A 621 22.37 -0.24 0.31
C SER A 621 22.60 -0.21 -1.19
N LEU A 622 22.76 -1.37 -1.82
CA LEU A 622 22.88 -1.47 -3.26
C LEU A 622 23.96 -0.57 -3.86
N ASN A 623 25.13 -0.56 -3.24
CA ASN A 623 26.28 0.17 -3.77
C ASN A 623 27.42 -0.74 -4.21
N ARG A 624 27.16 -2.07 -4.33
CA ARG A 624 28.15 -3.07 -4.79
C ARG A 624 29.42 -3.11 -3.93
N LEU A 625 29.31 -2.71 -2.66
CA LEU A 625 30.48 -2.66 -1.79
C LEU A 625 30.98 -4.06 -1.37
N LYS A 626 32.26 -4.34 -1.60
CA LYS A 626 32.92 -5.58 -1.18
C LYS A 626 33.61 -5.34 0.19
N HIS A 627 34.10 -4.12 0.42
CA HIS A 627 34.67 -3.71 1.69
C HIS A 627 34.58 -2.19 1.79
N ILE A 628 34.53 -1.65 3.00
CA ILE A 628 34.53 -0.22 3.20
C ILE A 628 35.90 0.10 3.76
N PRO A 629 36.72 0.98 3.14
CA PRO A 629 38.01 1.35 3.76
C PRO A 629 37.80 1.84 5.20
N ASN A 630 38.63 1.41 6.14
CA ASN A 630 38.45 1.80 7.55
C ASN A 630 38.35 3.31 7.77
N GLU A 631 39.17 4.10 7.04
CA GLU A 631 39.13 5.57 7.11
C GLU A 631 37.78 6.11 6.60
N ALA A 632 37.17 5.47 5.59
CA ALA A 632 35.87 5.90 5.07
C ALA A 632 34.77 5.57 6.06
N PHE A 633 34.83 4.42 6.74
CA PHE A 633 33.81 4.09 7.74
C PHE A 633 33.93 5.06 8.94
N LEU A 634 35.16 5.35 9.38
CA LEU A 634 35.39 6.28 10.50
C LEU A 634 34.96 7.72 10.17
N ASN A 635 34.86 8.07 8.87
CA ASN A 635 34.41 9.39 8.44
C ASN A 635 32.90 9.48 8.26
N LEU A 636 32.14 8.43 8.60
CA LEU A 636 30.67 8.54 8.56
C LEU A 636 30.25 9.43 9.75
N PRO A 637 29.15 10.20 9.67
CA PRO A 637 28.81 11.11 10.78
C PRO A 637 28.66 10.40 12.13
N ALA A 638 29.32 10.93 13.18
CA ALA A 638 29.20 10.36 14.53
C ALA A 638 27.78 10.48 15.12
N SER A 639 26.94 11.32 14.52
CA SER A 639 25.54 11.51 14.92
C SER A 639 24.62 10.34 14.48
N LEU A 640 25.12 9.39 13.66
CA LEU A 640 24.28 8.31 13.15
C LEU A 640 23.58 7.46 14.22
N THR A 641 22.27 7.26 14.05
CA THR A 641 21.47 6.38 14.87
C THR A 641 21.04 5.13 14.07
N GLU A 642 20.97 5.23 12.72
CA GLU A 642 20.49 4.14 11.87
C GLU A 642 21.36 4.10 10.62
N LEU A 643 22.06 2.99 10.40
CA LEU A 643 22.95 2.81 9.28
C LEU A 643 22.60 1.55 8.53
N HIS A 644 22.25 1.67 7.24
CA HIS A 644 21.95 0.51 6.42
C HIS A 644 23.03 0.31 5.39
N ILE A 645 23.61 -0.87 5.35
CA ILE A 645 24.57 -1.23 4.30
C ILE A 645 24.13 -2.59 3.70
N ASN A 646 22.82 -2.83 3.65
CA ASN A 646 22.27 -4.08 3.19
C ASN A 646 22.37 -4.21 1.68
N ASP A 647 22.35 -5.45 1.18
CA ASP A 647 22.38 -5.72 -0.24
C ASP A 647 23.56 -5.08 -0.96
N ASN A 648 24.73 -5.33 -0.40
CA ASN A 648 26.02 -5.04 -1.01
C ASN A 648 26.67 -6.46 -1.18
N MET A 649 28.00 -6.59 -1.22
CA MET A 649 28.66 -7.90 -1.27
C MET A 649 29.78 -7.88 -0.24
N LEU A 650 29.50 -7.35 0.96
CA LEU A 650 30.54 -7.19 1.98
C LEU A 650 31.09 -8.54 2.43
N LYS A 651 32.39 -8.71 2.30
CA LYS A 651 33.12 -9.89 2.75
C LYS A 651 33.68 -9.69 4.16
N PHE A 652 33.80 -8.44 4.61
CA PHE A 652 34.39 -8.09 5.89
C PHE A 652 33.69 -6.85 6.44
N PHE A 653 33.60 -6.78 7.76
CA PHE A 653 33.07 -5.63 8.47
C PHE A 653 33.96 -5.45 9.69
N ASN A 654 34.52 -4.26 9.89
CA ASN A 654 35.40 -4.00 11.02
C ASN A 654 34.53 -3.54 12.20
N TRP A 655 34.14 -4.50 13.04
CA TRP A 655 33.27 -4.24 14.18
C TRP A 655 33.87 -3.25 15.19
N THR A 656 35.22 -3.19 15.30
CA THR A 656 35.87 -2.27 16.24
C THR A 656 35.45 -0.82 16.03
N LEU A 657 35.21 -0.44 14.76
CA LEU A 657 34.89 0.93 14.41
C LEU A 657 33.56 1.42 14.94
N LEU A 658 32.70 0.52 15.46
CA LEU A 658 31.46 0.95 16.09
C LEU A 658 31.73 1.77 17.39
N GLN A 659 32.98 1.73 17.91
CA GLN A 659 33.37 2.54 19.08
C GLN A 659 33.23 4.04 18.79
N GLN A 660 33.26 4.47 17.51
CA GLN A 660 33.13 5.89 17.17
C GLN A 660 31.70 6.32 16.83
N PHE A 661 30.70 5.48 17.11
CA PHE A 661 29.30 5.80 16.82
C PHE A 661 28.51 5.57 18.11
N PRO A 662 28.64 6.50 19.07
CA PRO A 662 27.99 6.30 20.38
C PRO A 662 26.47 6.38 20.42
N ARG A 663 25.84 6.77 19.30
CA ARG A 663 24.39 6.85 19.21
C ARG A 663 23.81 5.81 18.21
N LEU A 664 24.65 4.92 17.65
CA LEU A 664 24.16 3.91 16.71
C LEU A 664 23.20 2.96 17.41
N GLU A 665 21.95 2.91 16.93
CA GLU A 665 20.94 2.01 17.49
C GLU A 665 20.62 0.87 16.52
N LEU A 666 20.68 1.10 15.20
CA LEU A 666 20.35 0.07 14.24
C LEU A 666 21.45 -0.05 13.22
N LEU A 667 21.94 -1.26 13.01
CA LEU A 667 22.97 -1.53 12.02
C LEU A 667 22.39 -2.62 11.15
N ASP A 668 22.22 -2.32 9.86
CA ASP A 668 21.61 -3.29 8.95
C ASP A 668 22.63 -3.75 7.94
N LEU A 669 23.11 -4.99 8.09
CA LEU A 669 24.10 -5.61 7.20
C LEU A 669 23.51 -6.83 6.47
N ARG A 670 22.19 -6.86 6.25
CA ARG A 670 21.54 -7.98 5.57
C ARG A 670 21.98 -8.08 4.14
N GLY A 671 21.92 -9.28 3.56
CA GLY A 671 22.20 -9.44 2.14
C GLY A 671 23.63 -9.12 1.75
N ASN A 672 24.59 -9.63 2.50
CA ASN A 672 26.01 -9.46 2.20
C ASN A 672 26.66 -10.88 2.17
N LYS A 673 28.00 -10.97 2.22
CA LYS A 673 28.70 -12.25 2.20
C LYS A 673 29.62 -12.33 3.43
N LEU A 674 29.16 -11.83 4.60
CA LEU A 674 29.97 -11.84 5.82
C LEU A 674 30.18 -13.27 6.28
N LEU A 675 31.43 -13.66 6.52
CA LEU A 675 31.81 -15.03 6.88
C LEU A 675 31.86 -15.27 8.37
N PHE A 676 32.09 -14.23 9.17
CA PHE A 676 32.19 -14.39 10.60
C PHE A 676 31.80 -13.14 11.39
N LEU A 677 31.57 -13.33 12.70
CA LEU A 677 31.19 -12.28 13.63
C LEU A 677 32.23 -12.10 14.69
N THR A 678 32.36 -10.88 15.18
CA THR A 678 33.27 -10.57 16.25
C THR A 678 32.82 -11.21 17.58
N ASP A 679 33.78 -11.57 18.42
CA ASP A 679 33.48 -12.06 19.76
C ASP A 679 33.49 -10.89 20.81
N SER A 680 33.81 -9.64 20.38
CA SER A 680 33.92 -8.51 21.31
CA SER A 680 33.96 -8.49 21.27
C SER A 680 32.99 -7.35 20.96
N LEU A 681 31.79 -7.65 20.43
CA LEU A 681 30.80 -6.60 20.13
C LEU A 681 30.48 -5.78 21.38
N SER A 682 30.39 -6.42 22.56
CA SER A 682 30.13 -5.74 23.83
C SER A 682 31.17 -4.67 24.19
N ASP A 683 32.40 -4.81 23.70
CA ASP A 683 33.45 -3.83 23.94
C ASP A 683 33.39 -2.65 22.95
N PHE A 684 32.67 -2.81 21.81
CA PHE A 684 32.64 -1.80 20.77
C PHE A 684 31.37 -0.93 20.77
N THR A 685 30.32 -1.34 21.48
CA THR A 685 29.07 -0.57 21.52
C THR A 685 28.34 -0.79 22.81
N SER A 686 27.70 0.26 23.29
CA SER A 686 26.81 0.28 24.43
C SER A 686 25.41 0.87 24.00
N SER A 687 25.18 1.12 22.69
CA SER A 687 23.96 1.73 22.17
C SER A 687 23.20 0.84 21.20
N LEU A 688 23.89 -0.10 20.51
CA LEU A 688 23.24 -0.92 19.48
C LEU A 688 22.03 -1.68 20.02
N ARG A 689 20.87 -1.47 19.40
CA ARG A 689 19.58 -2.03 19.78
C ARG A 689 19.13 -3.11 18.77
N THR A 690 19.40 -2.89 17.48
CA THR A 690 18.98 -3.80 16.43
C THR A 690 20.15 -4.09 15.54
N LEU A 691 20.44 -5.37 15.32
CA LEU A 691 21.53 -5.78 14.45
C LEU A 691 20.96 -6.78 13.46
N LEU A 692 20.92 -6.39 12.17
CA LEU A 692 20.34 -7.23 11.15
C LEU A 692 21.44 -7.83 10.31
N LEU A 693 21.57 -9.17 10.35
CA LEU A 693 22.61 -9.91 9.64
C LEU A 693 22.05 -11.04 8.77
N SER A 694 20.75 -11.02 8.45
CA SER A 694 20.17 -12.09 7.64
C SER A 694 20.74 -12.12 6.24
N HIS A 695 20.75 -13.31 5.64
CA HIS A 695 21.29 -13.49 4.29
C HIS A 695 22.77 -13.13 4.23
N ASN A 696 23.56 -13.76 5.10
CA ASN A 696 25.01 -13.65 5.08
C ASN A 696 25.58 -15.09 5.11
N ARG A 697 26.89 -15.27 5.28
CA ARG A 697 27.50 -16.61 5.26
C ARG A 697 28.15 -16.96 6.60
N ILE A 698 27.55 -16.50 7.70
CA ILE A 698 28.09 -16.75 9.03
C ILE A 698 27.81 -18.22 9.38
N SER A 699 28.86 -19.00 9.65
CA SER A 699 28.71 -20.42 10.00
C SER A 699 29.01 -20.69 11.50
N HIS A 700 29.45 -19.68 12.27
CA HIS A 700 29.78 -19.88 13.67
C HIS A 700 29.41 -18.65 14.49
N LEU A 701 28.71 -18.88 15.60
CA LEU A 701 28.31 -17.84 16.54
C LEU A 701 29.35 -17.92 17.67
N PRO A 702 30.21 -16.90 17.88
CA PRO A 702 31.27 -17.04 18.91
C PRO A 702 30.78 -17.19 20.34
N SER A 703 31.56 -17.87 21.19
CA SER A 703 31.23 -17.98 22.61
C SER A 703 31.24 -16.58 23.23
N GLY A 704 30.19 -16.27 23.99
CA GLY A 704 30.02 -14.98 24.62
C GLY A 704 29.56 -13.86 23.70
N PHE A 705 29.13 -14.18 22.43
CA PHE A 705 28.71 -13.19 21.43
C PHE A 705 27.76 -12.13 22.00
N LEU A 706 26.73 -12.57 22.74
CA LEU A 706 25.72 -11.71 23.35
C LEU A 706 25.77 -11.58 24.87
N SER A 707 26.71 -12.24 25.55
CA SER A 707 26.73 -12.22 27.01
CA SER A 707 26.78 -12.22 27.01
C SER A 707 26.72 -10.82 27.63
N GLU A 708 27.46 -9.86 27.06
CA GLU A 708 27.51 -8.51 27.64
C GLU A 708 27.03 -7.36 26.75
N VAL A 709 26.38 -7.63 25.60
CA VAL A 709 25.82 -6.54 24.78
C VAL A 709 24.41 -6.31 25.30
N SER A 710 24.33 -5.65 26.45
CA SER A 710 23.08 -5.39 27.17
C SER A 710 22.04 -4.64 26.37
N SER A 711 22.46 -3.67 25.55
CA SER A 711 21.53 -2.86 24.78
C SER A 711 20.81 -3.58 23.62
N LEU A 712 21.37 -4.68 23.10
CA LEU A 712 20.80 -5.34 21.93
C LEU A 712 19.47 -6.01 22.25
N LYS A 713 18.44 -5.58 21.54
CA LYS A 713 17.08 -6.04 21.68
C LYS A 713 16.72 -7.03 20.57
N HIS A 714 17.13 -6.75 19.31
CA HIS A 714 16.76 -7.56 18.15
C HIS A 714 18.00 -7.94 17.36
N LEU A 715 18.20 -9.27 17.17
CA LEU A 715 19.32 -9.83 16.43
C LEU A 715 18.70 -10.73 15.39
N ASP A 716 19.00 -10.46 14.11
CA ASP A 716 18.46 -11.26 13.03
C ASP A 716 19.60 -12.00 12.37
N LEU A 717 19.71 -13.30 12.65
CA LEU A 717 20.71 -14.20 12.07
C LEU A 717 20.06 -15.20 11.09
N SER A 718 18.86 -14.90 10.57
CA SER A 718 18.18 -15.79 9.65
C SER A 718 18.89 -15.89 8.32
N SER A 719 18.70 -17.03 7.64
CA SER A 719 19.32 -17.27 6.35
C SER A 719 20.85 -17.08 6.34
N ASN A 720 21.51 -17.67 7.32
CA ASN A 720 22.96 -17.71 7.40
C ASN A 720 23.37 -19.21 7.22
N LEU A 721 24.61 -19.62 7.57
CA LEU A 721 25.03 -21.00 7.39
C LEU A 721 25.34 -21.64 8.73
N LEU A 722 24.53 -21.34 9.77
CA LEU A 722 24.74 -21.90 11.09
C LEU A 722 24.25 -23.35 11.07
N LYS A 723 25.17 -24.27 11.40
CA LYS A 723 24.88 -25.69 11.53
C LYS A 723 24.46 -25.98 12.99
N THR A 724 24.99 -25.20 13.96
CA THR A 724 24.67 -25.38 15.36
C THR A 724 24.82 -24.05 16.09
N ILE A 725 24.32 -23.99 17.32
CA ILE A 725 24.48 -22.84 18.19
C ILE A 725 24.89 -23.42 19.53
N ASN A 726 26.08 -23.07 20.00
CA ASN A 726 26.55 -23.53 21.29
C ASN A 726 25.88 -22.69 22.37
N LYS A 727 25.59 -23.32 23.53
CA LYS A 727 25.00 -22.66 24.71
C LYS A 727 25.74 -21.35 25.05
N SER A 728 27.08 -21.40 25.00
CA SER A 728 27.93 -20.26 25.33
C SER A 728 27.75 -19.04 24.43
N ALA A 729 27.27 -19.23 23.18
CA ALA A 729 27.09 -18.11 22.26
C ALA A 729 25.89 -17.23 22.62
N LEU A 730 24.83 -17.81 23.22
CA LEU A 730 23.65 -17.04 23.58
C LEU A 730 23.52 -16.77 25.07
N GLU A 731 24.20 -17.56 25.92
CA GLU A 731 24.07 -17.37 27.38
C GLU A 731 24.63 -16.04 27.86
N THR A 732 24.10 -15.59 29.01
CA THR A 732 24.52 -14.38 29.67
C THR A 732 24.73 -14.70 31.16
N LYS A 733 25.51 -13.88 31.81
CA LYS A 733 25.67 -13.89 33.26
C LYS A 733 25.05 -12.59 33.86
N THR A 734 24.41 -11.75 33.02
CA THR A 734 23.82 -10.48 33.37
C THR A 734 22.47 -10.35 32.68
N THR A 735 21.65 -9.46 33.19
CA THR A 735 20.35 -9.17 32.63
C THR A 735 20.56 -8.30 31.39
N THR A 736 20.16 -8.80 30.23
CA THR A 736 20.30 -8.08 28.96
C THR A 736 18.93 -7.83 28.32
N LYS A 737 18.87 -6.95 27.29
CA LYS A 737 17.59 -6.58 26.70
C LYS A 737 17.17 -7.44 25.52
N LEU A 738 17.92 -8.53 25.20
CA LEU A 738 17.55 -9.38 24.05
C LEU A 738 16.11 -9.90 24.18
N SER A 739 15.29 -9.59 23.18
CA SER A 739 13.87 -9.98 23.15
C SER A 739 13.41 -10.58 21.84
N MET A 740 14.23 -10.51 20.75
CA MET A 740 13.88 -11.05 19.44
C MET A 740 15.15 -11.61 18.81
N LEU A 741 15.14 -12.89 18.45
CA LEU A 741 16.28 -13.57 17.83
C LEU A 741 15.73 -14.34 16.65
N GLU A 742 16.15 -14.00 15.43
CA GLU A 742 15.68 -14.69 14.24
C GLU A 742 16.76 -15.65 13.79
N LEU A 743 16.36 -16.90 13.55
CA LEU A 743 17.27 -17.98 13.14
C LEU A 743 16.72 -18.88 12.04
N HIS A 744 15.55 -18.56 11.46
CA HIS A 744 14.98 -19.36 10.39
C HIS A 744 15.90 -19.37 9.16
N GLY A 745 15.79 -20.41 8.35
CA GLY A 745 16.60 -20.55 7.15
C GLY A 745 18.03 -20.98 7.34
N ASN A 746 18.47 -21.36 8.57
CA ASN A 746 19.85 -21.84 8.77
C ASN A 746 19.89 -23.36 8.61
N PRO A 747 20.99 -23.93 8.07
CA PRO A 747 21.06 -25.39 7.85
C PRO A 747 21.45 -26.16 9.10
N PHE A 748 20.54 -26.21 10.07
CA PHE A 748 20.83 -26.82 11.36
C PHE A 748 21.05 -28.33 11.33
N GLU A 749 22.08 -28.78 12.07
CA GLU A 749 22.45 -30.17 12.23
C GLU A 749 21.72 -30.69 13.48
N CYS A 750 20.67 -31.49 13.28
CA CYS A 750 19.84 -31.99 14.36
C CYS A 750 20.26 -33.36 14.90
N THR A 751 21.48 -33.41 15.41
CA THR A 751 22.05 -34.54 16.13
C THR A 751 21.87 -34.18 17.66
N CYS A 752 22.59 -34.83 18.59
CA CYS A 752 22.53 -34.45 20.00
C CYS A 752 23.23 -33.09 20.24
N ASP A 753 24.10 -32.63 19.32
CA ASP A 753 24.77 -31.33 19.46
C ASP A 753 23.82 -30.12 19.37
N ILE A 754 22.57 -30.32 18.89
CA ILE A 754 21.57 -29.22 18.86
C ILE A 754 20.79 -29.12 20.20
N GLY A 755 20.90 -30.13 21.08
CA GLY A 755 20.20 -30.17 22.35
C GLY A 755 20.44 -28.96 23.23
N ASP A 756 21.67 -28.46 23.26
CA ASP A 756 21.99 -27.28 24.09
C ASP A 756 21.24 -26.04 23.61
N PHE A 757 21.14 -25.84 22.30
CA PHE A 757 20.38 -24.72 21.75
C PHE A 757 18.88 -24.90 22.07
N ARG A 758 18.35 -26.11 21.95
CA ARG A 758 16.96 -26.40 22.31
C ARG A 758 16.72 -26.13 23.79
N ARG A 759 17.64 -26.53 24.67
CA ARG A 759 17.52 -26.27 26.10
C ARG A 759 17.61 -24.76 26.36
N TRP A 760 18.45 -24.02 25.61
CA TRP A 760 18.53 -22.58 25.75
C TRP A 760 17.18 -21.95 25.38
N MET A 761 16.54 -22.40 24.28
CA MET A 761 15.22 -21.87 23.89
C MET A 761 14.20 -22.08 25.02
N ASP A 762 14.20 -23.27 25.63
CA ASP A 762 13.28 -23.59 26.75
C ASP A 762 13.53 -22.76 28.00
N GLU A 763 14.79 -22.37 28.25
CA GLU A 763 15.18 -21.63 29.44
C GLU A 763 15.11 -20.09 29.30
N HIS A 764 14.93 -19.58 28.06
CA HIS A 764 14.91 -18.12 27.82
C HIS A 764 13.68 -17.80 26.97
N LEU A 765 12.49 -18.03 27.56
CA LEU A 765 11.22 -17.83 26.85
C LEU A 765 10.90 -16.36 26.55
N ASN A 766 11.52 -15.41 27.25
CA ASN A 766 11.32 -13.98 26.98
C ASN A 766 11.91 -13.56 25.60
N VAL A 767 12.84 -14.36 25.05
CA VAL A 767 13.44 -14.09 23.75
C VAL A 767 12.58 -14.75 22.70
N LYS A 768 11.77 -13.96 22.00
CA LYS A 768 10.90 -14.48 20.96
C LYS A 768 11.73 -14.92 19.76
N ILE A 769 11.41 -16.10 19.20
CA ILE A 769 12.06 -16.58 17.99
C ILE A 769 10.92 -16.76 17.00
N PRO A 770 10.78 -15.87 16.00
CA PRO A 770 9.66 -16.00 15.07
C PRO A 770 9.88 -17.13 14.06
N ARG A 771 8.82 -17.50 13.34
CA ARG A 771 8.90 -18.50 12.28
C ARG A 771 9.57 -19.81 12.70
N LEU A 772 9.11 -20.38 13.82
CA LEU A 772 9.65 -21.66 14.30
C LEU A 772 9.45 -22.79 13.28
N VAL A 773 8.37 -22.72 12.46
CA VAL A 773 8.19 -23.72 11.41
C VAL A 773 9.34 -23.68 10.39
N ASP A 774 10.05 -22.53 10.26
CA ASP A 774 11.17 -22.37 9.32
C ASP A 774 12.55 -22.49 10.00
N VAL A 775 12.60 -22.79 11.31
CA VAL A 775 13.85 -23.04 12.05
C VAL A 775 13.91 -24.57 11.93
N ILE A 776 14.44 -25.02 10.79
CA ILE A 776 14.40 -26.39 10.28
C ILE A 776 15.73 -27.14 10.31
N CYS A 777 15.65 -28.47 10.49
CA CYS A 777 16.79 -29.37 10.44
C CYS A 777 17.17 -29.55 8.98
N ALA A 778 18.43 -29.35 8.63
CA ALA A 778 18.91 -29.67 7.28
C ALA A 778 19.52 -31.09 7.26
N SER A 779 19.87 -31.65 8.45
CA SER A 779 20.54 -32.95 8.58
C SER A 779 20.34 -33.50 10.00
N PRO A 780 20.48 -34.82 10.27
CA PRO A 780 20.65 -35.91 9.30
C PRO A 780 19.35 -36.18 8.54
N GLY A 781 19.40 -37.10 7.57
CA GLY A 781 18.25 -37.46 6.74
C GLY A 781 16.95 -37.68 7.48
N ASP A 782 17.00 -38.40 8.61
CA ASP A 782 15.80 -38.65 9.42
C ASP A 782 15.17 -37.38 10.01
N GLN A 783 15.96 -36.33 10.29
CA GLN A 783 15.43 -35.08 10.85
C GLN A 783 15.14 -34.00 9.81
N ARG A 784 15.72 -34.07 8.59
CA ARG A 784 15.56 -33.06 7.55
C ARG A 784 14.12 -32.60 7.31
N GLY A 785 13.91 -31.29 7.29
CA GLY A 785 12.59 -30.70 7.06
C GLY A 785 11.80 -30.42 8.33
N LYS A 786 12.08 -31.17 9.40
CA LYS A 786 11.37 -30.99 10.66
C LYS A 786 11.84 -29.74 11.39
N SER A 787 10.94 -29.09 12.12
CA SER A 787 11.30 -27.94 12.94
C SER A 787 12.15 -28.44 14.11
N ILE A 788 13.13 -27.65 14.53
CA ILE A 788 14.03 -28.03 15.64
C ILE A 788 13.30 -28.20 16.94
N VAL A 789 12.26 -27.40 17.19
CA VAL A 789 11.46 -27.53 18.39
C VAL A 789 10.66 -28.89 18.42
N SER A 790 10.57 -29.60 17.27
CA SER A 790 9.87 -30.87 17.11
C SER A 790 8.39 -30.75 17.43
C1 NAG B . -18.89 1.32 -5.77
C2 NAG B . -17.71 0.35 -5.58
C3 NAG B . -17.61 -0.08 -4.12
C4 NAG B . -17.59 1.13 -3.19
C5 NAG B . -18.78 2.03 -3.49
C6 NAG B . -18.79 3.30 -2.67
C7 NAG B . -16.92 -1.33 -7.20
C8 NAG B . -17.25 -2.61 -7.91
N2 NAG B . -17.88 -0.82 -6.43
O3 NAG B . -16.43 -0.87 -3.95
O4 NAG B . -17.72 0.72 -1.83
O5 NAG B . -18.74 2.43 -4.87
O6 NAG B . -20.01 4.00 -2.86
O7 NAG B . -15.85 -0.75 -7.36
H2 NAG B . -16.79 0.86 -5.85
H3 NAG B . -18.45 -0.73 -3.85
H4 NAG B . -16.66 1.68 -3.35
H5 NAG B . -19.71 1.46 -3.31
H61 NAG B . -17.98 3.96 -2.97
H62 NAG B . -18.71 3.07 -1.61
H81 NAG B . -16.39 -3.29 -7.89
H82 NAG B . -17.48 -2.40 -8.95
H83 NAG B . -18.09 -3.11 -7.43
HN2 NAG B . -18.80 -1.26 -6.42
HO3 NAG B . -16.44 -1.17 -3.03
HO6 NAG B . -20.73 3.35 -2.86
C1 NAG B . -16.55 0.46 -1.15
C2 NAG B . -16.76 0.55 0.36
C3 NAG B . -15.44 0.29 1.08
C4 NAG B . -14.83 -1.02 0.61
C5 NAG B . -14.73 -1.04 -0.91
C6 NAG B . -14.20 -2.33 -1.48
C7 NAG B . -18.24 1.96 1.72
C8 NAG B . -18.64 3.37 2.05
N2 NAG B . -17.32 1.83 0.75
O3 NAG B . -15.67 0.26 2.49
O4 NAG B . -13.48 -1.11 1.08
O5 NAG B . -16.04 -0.84 -1.48
O6 NAG B . -14.97 -3.45 -1.07
O7 NAG B . -18.73 0.99 2.29
H2 NAG B . -17.46 -0.24 0.64
H3 NAG B . -14.76 1.13 0.91
H4 NAG B . -15.43 -1.85 0.98
H5 NAG B . -14.07 -0.24 -1.28
H61 NAG B . -13.17 -2.51 -1.17
H62 NAG B . -14.24 -2.31 -2.57
H81 NAG B . -19.42 3.38 2.81
H82 NAG B . -19.02 3.86 1.16
H83 NAG B . -17.77 3.92 2.42
HN2 NAG B . -17.01 2.67 0.26
HO3 NAG B . -14.94 -0.26 2.86
HO6 NAG B . -15.89 -3.25 -1.27
C1 BMA B . -13.13 -2.09 1.99
C2 BMA B . -11.62 -1.98 2.20
C3 BMA B . -11.17 -2.94 3.29
C4 BMA B . -11.99 -2.76 4.56
C5 BMA B . -13.48 -2.83 4.24
C6 BMA B . -14.38 -2.55 5.42
O2 BMA B . -11.27 -0.64 2.52
O3 BMA B . -9.78 -2.70 3.57
O4 BMA B . -11.66 -3.82 5.47
O5 BMA B . -13.80 -1.86 3.24
O6 BMA B . -14.24 -1.20 5.89
H2 BMA B . -11.10 -2.21 1.26
H3 BMA B . -11.29 -3.97 2.93
H4 BMA B . -11.73 -1.81 5.03
H5 BMA B . -13.74 -3.81 3.86
H61 BMA B . -14.15 -3.21 6.25
H62 BMA B . -15.44 -2.67 5.14
HO2 BMA B . -11.51 -0.10 1.75
HO4 BMA B . -11.99 -3.56 6.36
HO6 BMA B . -13.90 -0.68 5.15
C1 MAN B . -8.89 -3.80 3.60
C2 MAN B . -7.57 -3.36 4.24
C3 MAN B . -6.82 -2.40 3.34
C4 MAN B . -6.65 -3.00 1.95
C5 MAN B . -8.01 -3.38 1.39
C6 MAN B . -7.93 -4.08 0.05
O2 MAN B . -6.75 -4.51 4.52
O3 MAN B . -5.53 -2.09 3.89
O4 MAN B . -6.00 -2.04 1.10
O5 MAN B . -8.66 -4.30 2.27
O6 MAN B . -7.24 -5.32 0.16
H2 MAN B . -7.76 -2.84 5.19
H3 MAN B . -7.35 -1.45 3.26
H4 MAN B . -6.00 -3.88 2.02
H5 MAN B . -8.64 -2.50 1.25
H61 MAN B . -7.38 -3.46 -0.67
H62 MAN B . -8.93 -4.29 -0.35
HO2 MAN B . -5.82 -4.27 4.32
HO3 MAN B . -5.04 -1.70 3.16
HO4 MAN B . -5.68 -2.51 0.32
HO6 MAN B . -7.15 -5.66 -0.75
C1 MAN B . -6.83 -5.08 5.82
C2 MAN B . -5.60 -5.96 6.03
C3 MAN B . -5.60 -7.13 5.05
C4 MAN B . -6.93 -7.89 5.12
C5 MAN B . -8.10 -6.91 4.95
C6 MAN B . -9.46 -7.56 5.09
O2 MAN B . -5.55 -6.43 7.38
O3 MAN B . -4.52 -8.01 5.35
O4 MAN B . -6.96 -8.87 4.07
O5 MAN B . -8.01 -5.88 5.95
O6 MAN B . -9.82 -8.29 3.92
H2 MAN B . -4.68 -5.38 5.89
H3 MAN B . -5.43 -6.77 4.03
H4 MAN B . -6.99 -8.40 6.08
H5 MAN B . -8.05 -6.45 3.96
H61 MAN B . -10.22 -6.80 5.25
H62 MAN B . -9.46 -8.27 5.92
HO2 MAN B . -5.17 -7.32 7.37
HO3 MAN B . -4.63 -8.76 4.73
HO4 MAN B . -7.67 -9.50 4.28
HO6 MAN B . -10.01 -7.62 3.23
C1 MAN B . -14.71 0.98 6.80
C2 MAN B . -14.90 -0.52 7.02
C3 MAN B . -14.25 -0.93 8.35
C4 MAN B . -12.79 -0.50 8.38
C5 MAN B . -12.67 0.99 8.08
C6 MAN B . -11.23 1.45 7.93
O1 MAN B . -15.40 1.70 7.76
O3 MAN B . -14.36 -2.34 8.54
O4 MAN B . -12.23 -0.79 9.66
O5 MAN B . -13.32 1.30 6.83
O6 MAN B . -11.13 2.74 7.35
H1 MAN B . -15.09 1.24 5.81
H3 MAN B . -14.78 -0.46 9.19
H4 MAN B . -12.24 -1.09 7.62
H5 MAN B . -13.11 1.59 8.88
H61 MAN B . -10.68 0.76 7.28
H62 MAN B . -10.73 1.48 8.90
HO1 MAN B . -15.24 2.63 7.53
HO3 MAN B . -13.90 -2.51 9.38
HO4 MAN B . -11.26 -0.76 9.59
HO6 MAN B . -11.99 3.18 7.50
C1 NAG C . 5.06 11.63 -7.87
C2 NAG C . 4.72 10.92 -6.56
C3 NAG C . 5.14 9.46 -6.63
C4 NAG C . 4.55 8.79 -7.87
C5 NAG C . 4.93 9.59 -9.11
C6 NAG C . 4.31 9.06 -10.39
C7 NAG C . 4.68 12.19 -4.45
C8 NAG C . 5.49 13.00 -3.49
N2 NAG C . 5.36 11.61 -5.45
O3 NAG C . 4.71 8.78 -5.45
O4 NAG C . 5.09 7.47 -8.03
O5 NAG C . 4.45 10.93 -8.96
O6 NAG C . 2.90 9.24 -10.38
O7 NAG C . 3.47 12.03 -4.31
H2 NAG C . 3.63 10.95 -6.43
H3 NAG C . 6.23 9.38 -6.64
H4 NAG C . 3.46 8.75 -7.76
H5 NAG C . 6.02 9.62 -9.25
H61 NAG C . 4.48 7.99 -10.53
H62 NAG C . 4.71 9.60 -11.25
H81 NAG C . 4.87 13.78 -3.05
H82 NAG C . 6.32 13.48 -4.01
H83 NAG C . 5.89 12.36 -2.70
HN2 NAG C . 6.37 11.65 -5.44
HO3 NAG C . 5.03 7.86 -5.55
HO6 NAG C . 2.71 10.03 -9.84
C1 NAG C . 4.31 6.35 -7.65
C2 NAG C . 4.81 5.14 -8.44
C3 NAG C . 4.10 3.87 -7.94
C4 NAG C . 4.34 3.72 -6.45
C5 NAG C . 3.78 4.96 -5.76
C6 NAG C . 3.96 4.95 -4.25
C7 NAG C . 5.59 5.49 -10.74
C8 NAG C . 5.19 5.58 -12.19
N2 NAG C . 4.59 5.31 -9.87
O3 NAG C . 4.62 2.74 -8.65
O4 NAG C . 3.74 2.53 -5.94
O5 NAG C . 4.47 6.12 -6.25
O6 NAG C . 5.34 4.84 -3.91
O7 NAG C . 6.76 5.59 -10.39
H2 NAG C . 5.87 5.01 -8.25
H3 NAG C . 3.03 3.90 -8.17
H4 NAG C . 5.42 3.69 -6.30
H5 NAG C . 2.72 5.08 -5.97
H61 NAG C . 3.44 4.10 -3.79
H62 NAG C . 3.59 5.88 -3.82
H81 NAG C . 5.94 6.13 -12.76
H82 NAG C . 4.24 6.11 -12.26
H83 NAG C . 5.08 4.58 -12.60
HN2 NAG C . 3.64 5.29 -10.21
HO3 NAG C . 4.48 1.98 -8.06
HO6 NAG C . 5.81 5.51 -4.42
C1 BMA C . 4.59 1.44 -5.57
C2 BMA C . 4.04 0.78 -4.31
C3 BMA C . 4.95 -0.37 -3.89
C4 BMA C . 5.20 -1.33 -5.04
C5 BMA C . 5.63 -0.60 -6.30
C6 BMA C . 5.66 -1.49 -7.52
O2 BMA C . 2.71 0.33 -4.55
O3 BMA C . 4.38 -1.05 -2.78
O4 BMA C . 6.23 -2.26 -4.67
O5 BMA C . 4.70 0.47 -6.61
O6 BMA C . 6.10 -0.79 -8.68
H2 BMA C . 3.95 1.52 -3.52
H3 BMA C . 5.91 0.05 -3.54
H4 BMA C . 4.28 -1.90 -5.23
H5 BMA C . 6.61 -0.15 -6.19
H61 BMA C . 4.66 -1.89 -7.74
H62 BMA C . 6.35 -2.33 -7.37
HO2 BMA C . 2.75 -0.33 -5.26
HO3 BMA C . 5.02 -1.76 -2.57
HO4 BMA C . 6.19 -3.01 -5.29
HO6 BMA C . 5.40 -0.14 -8.89
C1 NAG D . 13.49 8.54 -1.27
C2 NAG D . 12.28 7.64 -1.56
C3 NAG D . 11.09 8.06 -0.71
C4 NAG D . 11.50 8.06 0.76
C5 NAG D . 12.71 8.95 0.97
C6 NAG D . 13.23 8.96 2.40
C7 NAG D . 11.93 6.64 -3.80
C8 NAG D . 11.56 6.91 -5.21
N2 NAG D . 11.92 7.69 -2.98
O3 NAG D . 9.97 7.20 -0.94
O4 NAG D . 10.42 8.56 1.54
O5 NAG D . 13.80 8.48 0.14
O6 NAG D . 13.49 7.65 2.90
O7 NAG D . 12.24 5.51 -3.40
H2 NAG D . 12.54 6.61 -1.29
H3 NAG D . 10.76 9.07 -0.99
H4 NAG D . 11.75 7.02 1.01
H5 NAG D . 12.48 9.98 0.68
H61 NAG D . 12.50 9.41 3.07
H62 NAG D . 14.16 9.53 2.45
H81 NAG D . 11.64 6.00 -5.82
H82 NAG D . 12.23 7.67 -5.63
H83 NAG D . 10.53 7.28 -5.26
HN2 NAG D . 11.64 8.58 -3.35
HO3 NAG D . 10.27 6.31 -0.70
HO6 NAG D . 13.94 7.75 3.75
C1 NAG D . 10.12 7.83 2.69
C2 NAG D . 9.14 8.62 3.54
C3 NAG D . 8.79 7.82 4.79
C4 NAG D . 8.30 6.43 4.40
C5 NAG D . 9.34 5.75 3.51
C6 NAG D . 8.92 4.38 3.01
C7 NAG D . 9.38 11.07 3.34
C8 NAG D . 10.07 12.29 3.85
N2 NAG D . 9.72 9.91 3.91
O3 NAG D . 7.81 8.53 5.53
O4 NAG D . 8.15 5.61 5.57
O5 NAG D . 9.56 6.56 2.36
O6 NAG D . 7.71 4.47 2.27
O7 NAG D . 8.55 11.13 2.43
H2 NAG D . 8.23 8.78 2.99
H3 NAG D . 9.66 7.74 5.45
H4 NAG D . 7.34 6.54 3.88
H5 NAG D . 10.27 5.62 4.04
H61 NAG D . 8.73 3.69 3.83
H62 NAG D . 9.68 3.97 2.35
H81 NAG D . 9.63 13.20 3.42
H82 NAG D . 11.13 12.25 3.59
H83 NAG D . 9.98 12.33 4.94
HN2 NAG D . 10.43 9.92 4.64
HO3 NAG D . 7.61 7.97 6.31
HO6 NAG D . 7.81 5.20 1.63
C1 BMA D . 6.89 5.04 5.81
C2 BMA D . 7.04 3.98 6.90
C3 BMA D . 5.68 3.39 7.23
C4 BMA D . 4.66 4.47 7.56
C5 BMA D . 4.64 5.53 6.46
C6 BMA D . 3.77 6.73 6.79
O2 BMA D . 7.61 4.56 8.07
O3 BMA D . 5.79 2.48 8.33
O4 BMA D . 3.36 3.89 7.65
O5 BMA D . 5.96 6.04 6.24
O6 BMA D . 4.27 7.42 7.92
H2 BMA D . 7.73 3.20 6.57
H3 BMA D . 5.33 2.79 6.38
H4 BMA D . 4.92 4.91 8.53
H5 BMA D . 4.27 5.11 5.52
H61 BMA D . 2.75 6.41 7.03
H62 BMA D . 3.74 7.44 5.96
HO2 BMA D . 8.51 4.85 7.82
HO3 BMA D . 4.90 2.12 8.45
HO4 BMA D . 2.78 4.52 8.11
HO6 BMA D . 5.24 7.30 7.92
C1 NAG E . -17.95 -35.12 16.09
C2 NAG E . -18.02 -35.40 17.60
C3 NAG E . -18.02 -36.90 17.88
C4 NAG E . -19.12 -37.58 17.07
C5 NAG E . -18.97 -37.24 15.60
C6 NAG E . -20.08 -37.80 14.73
C7 NAG E . -17.00 -33.62 18.96
C8 NAG E . -15.74 -33.12 19.60
N2 NAG E . -16.90 -34.76 18.28
O3 NAG E . -18.21 -37.13 19.26
O4 NAG E . -19.03 -38.99 17.25
O5 NAG E . -19.01 -35.81 15.43
O6 NAG E . -19.82 -37.56 13.35
O7 NAG E . -18.06 -33.01 19.06
H2 NAG E . -18.95 -35.00 18.00
H3 NAG E . -17.05 -37.34 17.63
H4 NAG E . -20.09 -37.24 17.46
H5 NAG E . -18.01 -37.60 15.22
H61 NAG E . -21.04 -37.34 14.97
H62 NAG E . -20.16 -38.88 14.87
H81 NAG E . -15.94 -32.26 20.25
H82 NAG E . -15.04 -32.80 18.83
H83 NAG E . -15.29 -33.93 20.20
HN2 NAG E . -15.99 -35.21 18.23
HO3 NAG E . -18.18 -38.10 19.38
HO4 NAG E . -19.89 -39.41 17.06
HO6 NAG E . -20.52 -38.02 12.85
C1 NAG F . -14.85 -34.57 2.19
C2 NAG F . -15.38 -35.13 0.87
C3 NAG F . -16.42 -36.20 1.15
C4 NAG F . -15.81 -37.28 2.02
C5 NAG F . -15.20 -36.66 3.29
C6 NAG F . -14.46 -37.67 4.15
C7 NAG F . -15.41 -33.82 -1.21
C8 NAG F . -16.08 -32.70 -1.96
N2 NAG F . -15.90 -34.08 0.01
O3 NAG F . -16.89 -36.77 -0.08
O4 NAG F . -16.79 -38.23 2.41
O5 NAG F . -14.26 -35.62 2.94
O6 NAG F . -13.83 -37.04 5.26
O7 NAG F . -14.48 -34.45 -1.69
H2 NAG F . -14.55 -35.63 0.35
H3 NAG F . -17.29 -35.77 1.66
H4 NAG F . -15.04 -37.80 1.44
H5 NAG F . -15.99 -36.22 3.90
H61 NAG F . -13.67 -38.17 3.57
H62 NAG F . -15.15 -38.41 4.54
H81 NAG F . -15.53 -32.48 -2.89
H82 NAG F . -16.07 -31.79 -1.34
H83 NAG F . -17.11 -32.97 -2.19
HN2 NAG F . -16.67 -33.51 0.36
HO3 NAG F . -17.45 -36.11 -0.52
HO4 NAG F . -16.38 -39.07 2.64
HO6 NAG F . -13.05 -36.55 4.92
C1 NAG G . -33.23 0.26 10.34
C2 NAG G . -33.22 -0.10 11.83
C3 NAG G . -33.26 -1.63 11.95
C4 NAG G . -34.62 -2.06 11.41
C5 NAG G . -34.93 -1.51 10.01
C6 NAG G . -36.43 -1.46 9.78
C7 NAG G . -32.10 0.56 13.91
C8 NAG G . -30.88 1.19 14.52
N2 NAG G . -32.11 0.48 12.57
O3 NAG G . -33.08 -2.07 13.29
O4 NAG G . -34.68 -3.49 11.39
O5 NAG G . -34.47 -0.16 9.76
O6 NAG G . -36.82 -0.44 8.87
O7 NAG G . -33.03 0.16 14.61
H2 NAG G . -34.14 0.29 12.26
H3 NAG G . -32.47 -2.08 11.36
H4 NAG G . -35.37 -1.75 12.15
H5 NAG G . -34.51 -2.13 9.23
H61 NAG G . -36.99 -1.29 10.70
H62 NAG G . -36.77 -2.41 9.34
H81 NAG G . -31.02 1.33 15.60
H82 NAG G . -30.70 2.17 14.07
H83 NAG G . -30.02 0.55 14.35
HN2 NAG G . -31.37 0.92 12.05
HO3 NAG G . -33.46 -2.96 13.32
HO4 NAG G . -35.56 -3.76 11.09
HO6 NAG G . -36.26 -0.51 8.08
C1 NAG H . 24.93 28.60 -12.62
C2 NAG H . 26.23 29.27 -13.08
C3 NAG H . 26.09 30.79 -13.01
C4 NAG H . 24.85 31.26 -13.76
C5 NAG H . 23.63 30.49 -13.27
C6 NAG H . 22.38 30.83 -14.06
C7 NAG H . 28.44 28.24 -12.73
C8 NAG H . 29.50 27.89 -11.72
N2 NAG H . 27.34 28.83 -12.24
O3 NAG H . 27.25 31.40 -13.57
O4 NAG H . 24.66 32.65 -13.53
O5 NAG H . 23.85 29.08 -13.42
O6 NAG H . 22.46 30.33 -15.39
O7 NAG H . 28.59 28.00 -13.93
H2 NAG H . 26.42 29.00 -14.11
H3 NAG H . 26.06 31.13 -11.97
H4 NAG H . 25.00 31.09 -14.83
H5 NAG H . 23.42 30.71 -12.22
H61 NAG H . 22.24 31.91 -14.14
H62 NAG H . 21.49 30.40 -13.59
H81 NAG H . 30.43 27.60 -12.21
H82 NAG H . 29.15 27.04 -11.11
H83 NAG H . 29.68 28.75 -11.07
HN2 NAG H . 27.28 28.99 -11.24
HO3 NAG H . 27.05 32.36 -13.59
HO4 NAG H . 24.11 33.03 -14.24
HO6 NAG H . 22.42 29.36 -15.33
C1 NAG I . 18.99 18.69 13.14
C2 NAG I . 18.83 20.20 12.98
C3 NAG I . 17.71 20.70 13.90
C4 NAG I . 16.43 19.94 13.61
C5 NAG I . 16.67 18.45 13.77
C6 NAG I . 15.46 17.62 13.39
C7 NAG I . 20.51 21.95 12.55
C8 NAG I . 21.80 22.56 13.02
N2 NAG I . 20.07 20.91 13.26
O3 NAG I . 17.50 22.11 13.73
O4 NAG I . 15.41 20.37 14.52
O5 NAG I . 17.73 18.04 12.90
O6 NAG I . 15.69 16.25 13.63
O7 NAG I . 19.92 22.36 11.56
H2 NAG I . 18.53 20.41 11.95
H3 NAG I . 17.99 20.57 14.95
H4 NAG I . 16.11 20.19 12.59
H5 NAG I . 16.94 18.21 14.80
H61 NAG I . 15.23 17.73 12.32
H62 NAG I . 14.59 17.92 13.97
H81 NAG I . 22.13 23.34 12.32
H82 NAG I . 22.57 21.79 13.07
H83 NAG I . 21.66 23.01 14.01
HN2 NAG I . 20.63 20.59 14.05
HO3 NAG I . 16.61 22.28 14.08
HO4 NAG I . 14.54 20.16 14.15
HO6 NAG I . 14.87 15.77 13.41
C1 NAG J . 39.73 -1.75 12.01
C2 NAG J . 40.81 -2.71 11.48
C3 NAG J . 42.17 -2.38 12.10
C4 NAG J . 42.50 -0.90 11.96
C5 NAG J . 41.35 -0.08 12.55
C6 NAG J . 41.55 1.43 12.47
C7 NAG J . 40.60 -5.11 10.99
C8 NAG J . 40.11 -6.44 11.49
N2 NAG J . 40.43 -4.07 11.81
O3 NAG J . 43.19 -3.14 11.45
O4 NAG J . 43.71 -0.61 12.66
O5 NAG J . 40.17 -0.40 11.81
O6 NAG J . 41.34 1.95 11.17
O7 NAG J . 41.13 -5.00 9.89
H2 NAG J . 40.87 -2.59 10.40
H3 NAG J . 42.20 -2.66 13.15
H4 NAG J . 42.64 -0.66 10.90
H5 NAG J . 41.21 -0.33 13.60
H61 NAG J . 42.56 1.72 12.77
H62 NAG J . 40.83 1.92 13.13
H81 NAG J . 40.12 -7.19 10.69
H82 NAG J . 39.09 -6.34 11.85
H83 NAG J . 40.75 -6.76 12.31
HN2 NAG J . 40.01 -4.25 12.71
HO3 NAG J . 44.02 -2.88 11.88
HO4 NAG J . 44.09 0.22 12.33
HO6 NAG J . 41.24 1.19 10.56
C1 NAG K . -41.90 4.51 -0.01
C2 NAG K . -42.42 4.13 1.38
C3 NAG K . -43.93 4.38 1.49
C4 NAG K . -44.31 5.76 1.01
C5 NAG K . -43.76 5.99 -0.39
C6 NAG K . -43.97 7.40 -0.91
C7 NAG K . -41.96 2.30 2.95
C8 NAG K . -41.68 0.83 3.07
N2 NAG K . -42.12 2.74 1.69
O3 NAG K . -44.41 4.20 2.82
O4 NAG K . -45.72 5.89 1.00
O5 NAG K . -42.34 5.82 -0.35
O6 NAG K . -42.95 8.28 -0.42
H2 NAG K . -41.86 4.74 2.09
H3 NAG K . -44.47 3.63 0.88
H4 NAG K . -43.90 6.50 1.72
H5 NAG K . -44.19 5.29 -1.10
H61 NAG K . -44.93 7.81 -0.59
H62 NAG K . -43.92 7.41 -2.00
H81 NAG K . -41.25 0.59 4.04
H82 NAG K . -41.00 0.53 2.29
H83 NAG K . -42.62 0.27 2.96
HN2 NAG K . -42.03 2.09 0.93
HO3 NAG K . -45.34 4.51 2.81
HO4 NAG K . -46.07 5.28 0.32
HO6 NAG K . -42.11 7.82 -0.50
C1 NAG L . -10.49 -18.71 27.75
C2 NAG L . -10.17 -20.05 28.42
C3 NAG L . -10.19 -19.91 29.95
C4 NAG L . -9.32 -18.74 30.40
C5 NAG L . -9.74 -17.49 29.64
C6 NAG L . -8.95 -16.23 30.00
C7 NAG L . -10.81 -22.10 27.18
C8 NAG L . -11.93 -23.04 26.86
N2 NAG L . -11.12 -21.07 27.99
O3 NAG L . -9.74 -21.13 30.53
O4 NAG L . -9.48 -18.52 31.80
O5 NAG L . -9.59 -17.72 28.24
O6 NAG L . -7.93 -15.93 29.08
O7 NAG L . -9.68 -22.25 26.73
H2 NAG L . -9.16 -20.36 28.13
H3 NAG L . -11.22 -19.77 30.29
H4 NAG L . -8.27 -18.98 30.21
H5 NAG L . -10.78 -17.26 29.85
H61 NAG L . -8.48 -16.32 30.98
H62 NAG L . -9.63 -15.38 30.01
H81 NAG L . -11.58 -23.87 26.25
H82 NAG L . -12.70 -22.50 26.29
H83 NAG L . -12.37 -23.42 27.79
HN2 NAG L . -12.07 -21.00 28.32
HO3 NAG L . -9.67 -20.95 31.49
HO4 NAG L . -9.03 -19.24 32.28
HO6 NAG L . -8.12 -16.41 28.26
C1 NAG M . -12.88 33.75 -9.69
C2 NAG M . -13.36 34.19 -11.08
C3 NAG M . -14.68 34.94 -10.98
C4 NAG M . -15.70 34.11 -10.23
C5 NAG M . -15.13 33.80 -8.85
C6 NAG M . -16.06 32.99 -7.97
C7 NAG M . -11.43 34.55 -12.58
C8 NAG M . -10.47 35.56 -13.13
N2 NAG M . -12.35 35.01 -11.72
O3 NAG M . -15.15 35.26 -12.30
O4 NAG M . -16.94 34.81 -10.11
O5 NAG M . -13.92 33.06 -9.01
O6 NAG M . -15.51 32.85 -6.67
O7 NAG M . -11.39 33.37 -12.89
H2 NAG M . -13.54 33.30 -11.70
H3 NAG M . -14.54 35.90 -10.48
H4 NAG M . -15.88 33.18 -10.79
H5 NAG M . -14.91 34.74 -8.33
H61 NAG M . -16.18 31.99 -8.37
H62 NAG M . -17.03 33.46 -7.87
H81 NAG M . -9.84 35.11 -13.90
H82 NAG M . -9.83 35.93 -12.32
H83 NAG M . -11.03 36.39 -13.56
HN2 NAG M . -12.34 36.01 -11.50
HO3 NAG M . -15.36 34.40 -12.71
HO4 NAG M . -17.66 34.19 -9.95
HO6 NAG M . -16.17 32.37 -6.14
NI NI N . 20.66 -17.75 30.80
N1 A1BLT O . -3.09 7.78 -26.68
C7 A1BLT O . -7.06 10.84 -29.47
C8 A1BLT O . -3.26 10.24 -27.28
N2 A1BLT O . -5.18 6.70 -26.22
C9 A1BLT O . -7.79 10.68 -30.65
O1 A1BLT O . -3.96 7.78 -34.19
C1 A1BLT O . -1.87 12.14 -27.76
C5 A1BLT O . -4.25 12.44 -27.62
C6 A1BLT O . -9.78 10.34 -29.33
N3 A1BLT O . -5.52 10.36 -27.02
C4 A1BLT O . -9.15 10.44 -30.55
C3 A1BLT O . -1.99 10.78 -27.50
O3 A1BLT O . -9.54 10.34 -26.90
C2 A1BLT O . -2.98 12.96 -27.81
N4 A1BLT O . -3.19 5.56 -26.13
C10 A1BLT O . -7.67 10.74 -28.22
C11 A1BLT O . -3.76 8.92 -26.93
C12 A1BLT O . -4.38 11.10 -27.29
C13 A1BLT O . -5.14 9.03 -26.78
C14 A1BLT O . -9.03 10.47 -28.16
C15 A1BLT O . -5.86 7.84 -26.43
C16 A1BLT O . -3.84 6.71 -26.35
C17 A1BLT O . -4.46 10.05 -33.81
C18 A1BLT O . -3.35 9.01 -33.82
C19 A1BLT O . -5.23 7.77 -33.53
C20 A1BLT O . -5.71 9.22 -33.46
C21 A1BLT O . -8.55 7.88 -22.11
C22 A1BLT O . -10.89 9.89 -26.76
C23 A1BLT O . -6.86 10.92 -26.95
C24 A1BLT O . -7.07 10.69 -31.98
C25 A1BLT O . -8.72 7.82 -23.61
C26 A1BLT O . -7.96 6.65 -24.24
C27 A1BLT O . -9.34 6.62 -26.39
C28 A1BLT O . -9.34 6.65 -27.90
C29 A1BLT O . -7.95 6.67 -25.76
N5 A1BLT O . -7.21 7.82 -26.26
N6 A1BLT O . -6.22 9.50 -32.11
O2 A1BLT O . -10.66 6.49 -28.41
#